data_6IQ5
#
_entry.id   6IQ5
#
_cell.length_a   135.190
_cell.length_b   135.190
_cell.length_c   302.170
_cell.angle_alpha   90.00
_cell.angle_beta   90.00
_cell.angle_gamma   90.00
#
_symmetry.space_group_name_H-M   'I 41'
#
loop_
_entity.id
_entity.type
_entity.pdbx_description
1 polymer 'Cytochrome P450 1B1'
2 non-polymer 'PROTOPORPHYRIN IX CONTAINING FE'
3 non-polymer 2-(cis-4-azidocyclohexyl)-4H-naphtho[1,2-b]pyran-4-one
4 water water
#
_entity_poly.entity_id   1
_entity_poly.type   'polypeptide(L)'
_entity_poly.pdbx_seq_one_letter_code
;QAAHLSFARLARRYGDVFQIRLGSCPIVVLNGERAIHQALVQQGSAFADRPSFASFRVVSGGRSMAFGHYSEHWKVQRRA
AHSMMRNFFTRQPRSRQVLEGHVLSEARELVALLVRGSADGAFLDPRPLTVVAVANVMSAVCFGCRYSHDDPEFRELLSH
NEEFGRTVGAGSLVDVMPWLQYFPNPVRTVFREFEQLNRNFSNFILDKFLRHCESLRPGAAPRDMMDAFILSAEKKAAGD
SHGGGARLDLENVPATITDIFGASQDTLSTALQWLLLLFTRYPDVQTRVQAELDQVVGRDRLPCMGDQPNLPYVLAFLYE
AMRFSSFVPVTIPHATTANTSVLGYHIPKDTVVFVNQWSVNHDPVKWPNPENFDPARFLDKDGLINKDLTSRVMIFSVGK
RRCIGEELSKMQLFLFISILAHQCDFRANPNEPAKMNFSYGLTIKPKSFKVNVTLRESMELLD
;
_entity_poly.pdbx_strand_id   A,B
#
# COMPACT_ATOMS: atom_id res chain seq x y z
N GLN A 1 -31.78 23.09 -7.57
CA GLN A 1 -31.21 24.38 -7.01
C GLN A 1 -30.24 24.14 -5.81
N ALA A 2 -29.34 23.17 -6.00
CA ALA A 2 -28.34 22.76 -5.04
C ALA A 2 -26.96 22.93 -5.63
N ALA A 3 -26.04 23.45 -4.81
CA ALA A 3 -24.80 24.08 -5.28
C ALA A 3 -23.88 23.17 -6.12
N HIS A 4 -23.89 21.85 -5.87
CA HIS A 4 -23.05 20.90 -6.65
C HIS A 4 -23.40 20.94 -8.13
N LEU A 5 -24.71 21.05 -8.41
CA LEU A 5 -25.21 21.14 -9.77
C LEU A 5 -24.69 22.39 -10.47
N SER A 6 -24.88 23.56 -9.84
CA SER A 6 -24.61 24.84 -10.52
C SER A 6 -23.19 25.20 -10.76
N PHE A 7 -22.25 24.49 -10.16
CA PHE A 7 -20.83 24.71 -10.45
C PHE A 7 -20.30 24.06 -11.74
N ALA A 8 -20.74 22.84 -12.07
CA ALA A 8 -20.35 22.19 -13.35
C ALA A 8 -20.84 22.95 -14.59
N ARG A 9 -21.99 23.63 -14.41
CA ARG A 9 -22.56 24.56 -15.37
C ARG A 9 -21.71 25.81 -15.53
N LEU A 10 -21.42 26.47 -14.41
CA LEU A 10 -20.52 27.60 -14.43
C LEU A 10 -19.15 27.21 -15.00
N ALA A 11 -18.73 25.98 -14.76
CA ALA A 11 -17.43 25.51 -15.29
C ALA A 11 -17.36 25.45 -16.80
N ARG A 12 -18.46 25.09 -17.45
CA ARG A 12 -18.47 24.84 -18.90
C ARG A 12 -18.01 25.98 -19.79
N ARG A 13 -18.37 27.21 -19.43
CA ARG A 13 -17.94 28.40 -20.17
C ARG A 13 -16.65 29.00 -19.57
N TYR A 14 -16.52 28.95 -18.24
CA TYR A 14 -15.45 29.66 -17.52
C TYR A 14 -14.22 28.81 -17.21
N GLY A 15 -14.38 27.48 -17.20
CA GLY A 15 -13.28 26.52 -16.97
C GLY A 15 -13.56 25.48 -15.88
N ASP A 16 -12.94 24.29 -16.01
CA ASP A 16 -12.96 23.28 -14.92
C ASP A 16 -12.58 23.97 -13.59
N VAL A 17 -11.68 24.97 -13.66
CA VAL A 17 -11.45 25.92 -12.57
C VAL A 17 -12.13 27.23 -12.94
N PHE A 18 -12.74 27.88 -11.95
CA PHE A 18 -13.28 29.23 -12.08
C PHE A 18 -13.47 29.81 -10.70
N GLN A 19 -14.11 30.97 -10.58
CA GLN A 19 -14.37 31.54 -9.26
C GLN A 19 -15.63 32.39 -9.17
N ILE A 20 -16.64 31.85 -8.51
CA ILE A 20 -17.82 32.60 -8.11
C ILE A 20 -17.47 33.53 -6.94
N ARG A 21 -18.36 34.46 -6.66
CA ARG A 21 -18.22 35.33 -5.48
C ARG A 21 -19.54 35.30 -4.74
N LEU A 22 -19.57 34.62 -3.60
CA LEU A 22 -20.79 34.48 -2.78
C LEU A 22 -20.94 35.64 -1.77
N GLY A 23 -21.94 36.50 -2.01
CA GLY A 23 -22.13 37.74 -1.28
C GLY A 23 -20.96 38.68 -1.50
N SER A 24 -19.97 38.53 -0.61
CA SER A 24 -18.69 39.24 -0.68
C SER A 24 -17.50 38.30 -0.96
N CYS A 25 -17.45 37.14 -0.27
CA CYS A 25 -16.24 36.34 -0.20
C CYS A 25 -16.01 35.60 -1.51
N PRO A 26 -14.73 35.43 -1.93
CA PRO A 26 -14.38 34.89 -3.25
C PRO A 26 -14.15 33.38 -3.23
N ILE A 27 -14.96 32.65 -3.96
CA ILE A 27 -14.86 31.20 -3.94
C ILE A 27 -14.11 30.76 -5.18
N VAL A 28 -13.14 29.86 -5.06
CA VAL A 28 -12.57 29.20 -6.24
C VAL A 28 -13.11 27.79 -6.25
N VAL A 29 -13.58 27.33 -7.42
CA VAL A 29 -14.37 26.09 -7.51
C VAL A 29 -13.69 25.05 -8.39
N LEU A 30 -13.01 24.06 -7.77
CA LEU A 30 -12.24 23.01 -8.51
C LEU A 30 -13.18 21.89 -8.96
N ASN A 31 -13.30 21.68 -10.28
CA ASN A 31 -14.31 20.74 -10.83
C ASN A 31 -13.83 19.54 -11.66
N GLY A 32 -12.63 19.61 -12.21
CA GLY A 32 -12.06 18.44 -12.88
C GLY A 32 -11.68 17.29 -11.97
N GLU A 33 -11.25 16.19 -12.58
CA GLU A 33 -10.29 15.27 -11.95
C GLU A 33 -8.95 15.99 -11.86
N ARG A 34 -8.46 16.43 -13.02
CA ARG A 34 -7.16 17.05 -13.15
C ARG A 34 -7.05 18.27 -12.21
N ALA A 35 -8.10 19.07 -12.12
CA ALA A 35 -8.12 20.23 -11.20
C ALA A 35 -7.84 19.80 -9.76
N ILE A 36 -8.67 18.89 -9.27
CA ILE A 36 -8.72 18.51 -7.86
C ILE A 36 -7.47 17.77 -7.42
N HIS A 37 -7.10 16.71 -8.14
CA HIS A 37 -5.89 15.94 -7.81
C HIS A 37 -4.62 16.79 -7.95
N GLN A 38 -4.63 17.79 -8.84
CA GLN A 38 -3.55 18.77 -8.84
C GLN A 38 -3.56 19.51 -7.51
N ALA A 39 -4.71 20.13 -7.24
CA ALA A 39 -4.86 21.05 -6.12
C ALA A 39 -4.55 20.39 -4.79
N LEU A 40 -5.23 19.27 -4.54
CA LEU A 40 -5.31 18.71 -3.20
C LEU A 40 -4.23 17.66 -2.91
N VAL A 41 -3.77 16.94 -3.95
CA VAL A 41 -2.64 15.98 -3.84
C VAL A 41 -1.30 16.63 -4.22
N GLN A 42 -1.22 17.16 -5.43
CA GLN A 42 0.05 17.64 -5.97
C GLN A 42 0.40 19.01 -5.41
N GLN A 43 -0.61 19.79 -5.08
CA GLN A 43 -0.42 21.05 -4.37
C GLN A 43 -0.97 20.97 -2.95
N GLY A 44 -1.25 19.76 -2.50
CA GLY A 44 -1.76 19.54 -1.15
C GLY A 44 -0.99 20.32 -0.11
N SER A 45 -1.67 20.67 0.97
CA SER A 45 -1.06 21.46 2.04
C SER A 45 -1.13 22.93 1.66
N ALA A 46 -1.48 23.19 0.41
CA ALA A 46 -1.64 24.54 -0.10
C ALA A 46 -3.14 24.72 -0.16
N PHE A 47 -3.86 23.64 0.13
CA PHE A 47 -5.31 23.71 0.14
C PHE A 47 -5.90 23.00 1.37
N ALA A 48 -5.01 22.63 2.30
CA ALA A 48 -5.40 21.77 3.42
C ALA A 48 -6.01 22.58 4.55
N ASP A 49 -6.07 23.90 4.36
CA ASP A 49 -6.58 24.80 5.40
C ASP A 49 -8.05 25.14 5.16
N ARG A 50 -8.78 25.39 6.25
CA ARG A 50 -10.21 25.63 6.17
C ARG A 50 -10.52 27.12 6.18
N PRO A 51 -11.64 27.49 5.58
CA PRO A 51 -12.14 28.84 5.67
C PRO A 51 -12.05 29.46 7.05
N SER A 52 -11.90 30.77 7.12
CA SER A 52 -12.10 31.54 8.35
C SER A 52 -13.59 31.75 8.58
N PHE A 53 -14.33 30.64 8.57
CA PHE A 53 -15.78 30.65 8.67
C PHE A 53 -16.13 30.38 10.13
N ALA A 54 -16.88 31.26 10.77
CA ALA A 54 -17.04 31.17 12.20
C ALA A 54 -18.17 30.25 12.65
N SER A 55 -18.93 29.67 11.71
CA SER A 55 -19.81 28.54 12.08
C SER A 55 -18.93 27.33 12.44
N PHE A 56 -17.78 27.23 11.79
CA PHE A 56 -16.77 26.18 12.08
C PHE A 56 -16.26 26.29 13.53
N ARG A 57 -16.05 27.52 13.93
CA ARG A 57 -15.72 27.82 15.29
C ARG A 57 -16.87 27.44 16.26
N VAL A 58 -18.10 27.26 15.78
CA VAL A 58 -19.18 26.74 16.65
C VAL A 58 -18.99 25.26 17.00
N VAL A 59 -18.43 24.50 16.06
CA VAL A 59 -18.47 23.03 16.08
C VAL A 59 -17.57 22.49 17.19
N SER A 60 -18.12 21.63 18.04
CA SER A 60 -17.32 20.87 19.00
C SER A 60 -16.41 21.78 19.85
N GLY A 61 -16.97 22.89 20.35
CA GLY A 61 -16.21 23.89 21.12
C GLY A 61 -15.09 24.63 20.40
N GLY A 62 -15.15 24.67 19.07
CA GLY A 62 -14.06 25.21 18.24
C GLY A 62 -12.83 24.30 18.09
N ARG A 63 -12.81 23.18 18.80
CA ARG A 63 -11.66 22.30 18.80
C ARG A 63 -11.80 21.20 17.78
N SER A 64 -12.88 21.19 17.00
CA SER A 64 -13.07 20.20 15.93
C SER A 64 -11.85 20.03 15.00
N MET A 65 -11.70 18.82 14.49
CA MET A 65 -10.68 18.49 13.52
C MET A 65 -11.24 18.74 12.12
N ALA A 66 -12.45 18.22 11.86
CA ALA A 66 -13.19 18.42 10.58
C ALA A 66 -13.09 19.82 10.06
N PHE A 67 -13.37 20.77 10.94
CA PHE A 67 -13.54 22.12 10.54
C PHE A 67 -12.34 23.02 10.89
N GLY A 68 -11.29 22.43 11.46
CA GLY A 68 -10.17 23.20 12.03
C GLY A 68 -9.12 23.64 11.02
N HIS A 69 -8.49 24.77 11.28
CA HIS A 69 -7.51 25.31 10.36
C HIS A 69 -6.24 24.46 10.42
N TYR A 70 -5.55 24.34 9.30
CA TYR A 70 -4.38 23.42 9.14
C TYR A 70 -3.09 23.92 9.78
N SER A 71 -2.51 23.12 10.68
CA SER A 71 -1.44 23.57 11.57
C SER A 71 -0.81 22.36 12.25
N GLU A 72 0.14 22.57 13.16
CA GLU A 72 0.80 21.44 13.84
C GLU A 72 0.06 20.90 15.10
N HIS A 73 -0.71 21.72 15.82
CA HIS A 73 -1.60 21.18 16.87
C HIS A 73 -2.77 20.45 16.24
N TRP A 74 -3.07 20.81 14.99
CA TRP A 74 -4.03 20.07 14.16
C TRP A 74 -3.40 18.81 13.58
N LYS A 75 -2.12 18.89 13.22
CA LYS A 75 -1.40 17.73 12.71
C LYS A 75 -1.55 16.56 13.68
N VAL A 76 -1.21 16.79 14.96
CA VAL A 76 -1.22 15.69 15.91
C VAL A 76 -2.65 15.33 16.24
N GLN A 77 -3.57 16.28 16.10
CA GLN A 77 -5.01 16.00 16.28
C GLN A 77 -5.64 15.18 15.17
N ARG A 78 -5.15 15.29 13.93
CA ARG A 78 -5.57 14.37 12.85
C ARG A 78 -4.79 13.07 12.99
N ARG A 79 -3.46 13.17 13.03
CA ARG A 79 -2.57 12.01 13.24
C ARG A 79 -3.02 11.07 14.37
N ALA A 80 -3.60 11.62 15.45
CA ALA A 80 -4.07 10.82 16.59
C ALA A 80 -5.46 10.21 16.38
N ALA A 81 -6.31 10.88 15.63
CA ALA A 81 -7.64 10.35 15.27
C ALA A 81 -7.50 9.16 14.33
N HIS A 82 -6.82 9.39 13.21
CA HIS A 82 -6.65 8.35 12.19
C HIS A 82 -5.92 7.14 12.76
N SER A 83 -4.76 7.34 13.38
CA SER A 83 -4.06 6.22 14.01
C SER A 83 -4.83 5.61 15.19
N MET A 84 -5.96 6.22 15.55
CA MET A 84 -7.00 5.51 16.28
C MET A 84 -8.04 4.93 15.32
N MET A 85 -8.32 5.67 14.25
CA MET A 85 -9.16 5.17 13.17
C MET A 85 -8.61 3.88 12.59
N ARG A 86 -7.29 3.79 12.54
CA ARG A 86 -6.62 2.64 11.92
C ARG A 86 -6.29 1.58 12.97
N ASN A 87 -6.05 2.03 14.20
CA ASN A 87 -5.48 1.15 15.22
C ASN A 87 -6.54 0.28 15.90
N PHE A 88 -7.62 0.93 16.35
CA PHE A 88 -8.69 0.22 17.04
C PHE A 88 -9.08 -1.06 16.30
N PHE A 89 -9.33 -0.93 15.01
CA PHE A 89 -9.67 -2.06 14.18
C PHE A 89 -8.31 -2.56 13.65
N THR A 90 -8.00 -3.83 13.86
CA THR A 90 -6.74 -4.42 13.39
C THR A 90 -5.51 -4.54 14.34
N ARG A 91 -5.54 -3.96 15.55
CA ARG A 91 -4.39 -4.10 16.45
C ARG A 91 -4.03 -5.56 16.78
N GLN A 92 -5.07 -6.35 17.03
CA GLN A 92 -4.94 -7.76 17.36
C GLN A 92 -5.97 -8.52 16.54
N PRO A 93 -5.74 -9.89 16.38
CA PRO A 93 -6.77 -10.57 15.59
C PRO A 93 -8.13 -10.44 16.27
N ARG A 94 -9.17 -10.27 15.46
CA ARG A 94 -10.54 -10.12 15.96
C ARG A 94 -10.88 -8.69 16.36
N SER A 95 -9.97 -7.74 16.07
CA SER A 95 -10.22 -6.35 16.41
C SER A 95 -11.45 -5.91 15.62
N ARG A 96 -11.50 -6.34 14.36
CA ARG A 96 -12.62 -6.08 13.48
C ARG A 96 -13.82 -6.87 13.97
N GLN A 97 -13.62 -8.12 14.43
CA GLN A 97 -14.75 -8.96 14.86
C GLN A 97 -15.69 -8.27 15.86
N VAL A 98 -15.15 -7.69 16.93
CA VAL A 98 -16.02 -6.96 17.86
C VAL A 98 -16.81 -5.83 17.15
N LEU A 99 -16.21 -5.16 16.15
CA LEU A 99 -16.90 -4.16 15.32
C LEU A 99 -17.90 -4.84 14.40
N GLU A 100 -17.41 -5.76 13.59
CA GLU A 100 -18.25 -6.59 12.75
C GLU A 100 -19.51 -7.05 13.55
N GLY A 101 -19.31 -7.51 14.79
CA GLY A 101 -20.38 -8.00 15.67
C GLY A 101 -21.50 -7.02 15.95
N HIS A 102 -21.15 -5.74 16.01
CA HIS A 102 -22.12 -4.67 16.24
C HIS A 102 -23.02 -4.41 15.05
N VAL A 103 -22.45 -4.60 13.87
CA VAL A 103 -23.15 -4.38 12.64
C VAL A 103 -24.22 -5.45 12.52
N LEU A 104 -23.83 -6.70 12.83
CA LEU A 104 -24.71 -7.89 12.82
C LEU A 104 -25.76 -7.73 13.88
N SER A 105 -25.32 -7.55 15.14
CA SER A 105 -26.21 -7.14 16.22
C SER A 105 -27.30 -6.14 15.75
N GLU A 106 -26.85 -5.02 15.17
CA GLU A 106 -27.74 -3.96 14.67
C GLU A 106 -28.47 -4.29 13.41
N ALA A 107 -27.85 -5.03 12.51
CA ALA A 107 -28.48 -5.46 11.29
C ALA A 107 -29.70 -6.31 11.64
N ARG A 108 -29.56 -7.14 12.66
CA ARG A 108 -30.63 -8.03 13.11
C ARG A 108 -31.78 -7.19 13.68
N GLU A 109 -31.45 -6.15 14.42
CA GLU A 109 -32.45 -5.20 14.89
C GLU A 109 -33.18 -4.45 13.75
N LEU A 110 -32.40 -3.95 12.79
CA LEU A 110 -32.93 -3.18 11.65
C LEU A 110 -33.99 -4.01 10.90
N VAL A 111 -33.60 -5.21 10.40
CA VAL A 111 -34.56 -6.07 9.64
C VAL A 111 -35.73 -6.52 10.51
N ALA A 112 -35.50 -6.60 11.84
CA ALA A 112 -36.59 -6.85 12.78
C ALA A 112 -37.55 -5.70 12.73
N LEU A 113 -37.04 -4.49 12.95
CA LEU A 113 -37.88 -3.29 13.03
C LEU A 113 -38.43 -2.83 11.69
N LEU A 114 -37.59 -2.87 10.65
CA LEU A 114 -38.05 -2.61 9.28
C LEU A 114 -39.22 -3.50 8.93
N VAL A 115 -39.05 -4.81 9.15
CA VAL A 115 -40.13 -5.78 8.93
C VAL A 115 -41.30 -5.50 9.87
N ARG A 116 -41.01 -5.09 11.11
CA ARG A 116 -42.06 -4.84 12.13
C ARG A 116 -43.06 -3.82 11.64
N GLY A 117 -42.54 -2.65 11.27
CA GLY A 117 -43.37 -1.54 10.83
C GLY A 117 -44.09 -1.76 9.51
N SER A 118 -43.68 -2.80 8.80
CA SER A 118 -44.00 -2.97 7.40
C SER A 118 -45.00 -4.10 7.12
N ALA A 119 -45.47 -4.79 8.16
CA ALA A 119 -46.40 -5.91 7.94
C ALA A 119 -47.72 -5.45 7.33
N ASP A 120 -48.37 -6.39 6.62
CA ASP A 120 -49.67 -6.23 5.93
C ASP A 120 -49.62 -5.43 4.61
N GLY A 121 -48.46 -5.42 3.95
CA GLY A 121 -48.25 -4.67 2.68
C GLY A 121 -47.90 -3.21 2.86
N ALA A 122 -47.63 -2.84 4.11
CA ALA A 122 -47.44 -1.45 4.52
C ALA A 122 -46.16 -0.90 3.97
N PHE A 123 -45.94 0.39 4.18
CA PHE A 123 -44.68 1.05 3.84
C PHE A 123 -44.29 1.99 4.95
N LEU A 124 -43.01 2.20 5.14
CA LEU A 124 -42.56 3.16 6.15
C LEU A 124 -41.20 3.82 5.87
N ASP A 125 -41.06 5.02 6.42
CA ASP A 125 -39.86 5.87 6.39
C ASP A 125 -38.74 5.05 7.05
N PRO A 126 -37.77 4.53 6.28
CA PRO A 126 -36.66 3.85 6.98
C PRO A 126 -35.64 4.77 7.68
N ARG A 127 -35.86 6.08 7.61
CA ARG A 127 -34.91 7.08 8.08
C ARG A 127 -34.58 6.83 9.56
N PRO A 128 -35.56 6.97 10.47
CA PRO A 128 -35.23 7.00 11.89
C PRO A 128 -34.77 5.68 12.48
N LEU A 129 -34.84 4.58 11.70
CA LEU A 129 -34.25 3.28 12.10
C LEU A 129 -32.80 3.24 11.67
N THR A 130 -32.50 3.65 10.42
CA THR A 130 -31.12 3.64 9.94
C THR A 130 -30.18 4.62 10.65
N VAL A 131 -30.68 5.48 11.54
CA VAL A 131 -29.79 6.40 12.25
C VAL A 131 -29.60 6.00 13.69
N VAL A 132 -30.68 5.55 14.35
CA VAL A 132 -30.56 4.76 15.56
C VAL A 132 -29.59 3.61 15.30
N ALA A 133 -29.75 2.94 14.16
CA ALA A 133 -28.92 1.78 13.80
C ALA A 133 -27.47 2.15 13.65
N VAL A 134 -27.21 3.09 12.75
CA VAL A 134 -25.85 3.44 12.40
C VAL A 134 -25.12 4.06 13.58
N ALA A 135 -25.83 4.89 14.34
CA ALA A 135 -25.29 5.51 15.55
C ALA A 135 -24.96 4.54 16.70
N ASN A 136 -25.64 3.39 16.77
CA ASN A 136 -25.33 2.32 17.79
C ASN A 136 -23.98 1.63 17.63
N VAL A 137 -23.68 1.27 16.38
CA VAL A 137 -22.39 0.68 16.03
C VAL A 137 -21.33 1.65 16.60
N MET A 138 -21.44 2.93 16.23
CA MET A 138 -20.45 3.96 16.63
C MET A 138 -20.47 4.30 18.10
N SER A 139 -21.64 4.17 18.75
CA SER A 139 -21.77 4.35 20.20
C SER A 139 -21.25 3.12 20.96
N ALA A 140 -21.34 1.93 20.36
CA ALA A 140 -20.72 0.73 20.93
C ALA A 140 -19.21 0.72 20.81
N VAL A 141 -18.69 1.24 19.71
CA VAL A 141 -17.25 1.41 19.52
C VAL A 141 -16.72 2.53 20.42
N CYS A 142 -17.37 3.71 20.37
CA CYS A 142 -16.87 4.93 21.03
C CYS A 142 -17.14 4.91 22.53
N PHE A 143 -18.39 4.57 22.88
CA PHE A 143 -18.90 4.72 24.24
C PHE A 143 -19.30 3.39 24.87
N GLY A 144 -19.07 2.27 24.20
CA GLY A 144 -19.44 0.96 24.72
C GLY A 144 -20.86 0.87 25.25
N CYS A 145 -21.78 1.54 24.58
CA CYS A 145 -23.13 1.67 25.09
C CYS A 145 -24.08 2.05 23.97
N ARG A 146 -24.73 1.07 23.35
CA ARG A 146 -25.73 1.33 22.30
C ARG A 146 -26.97 2.00 22.86
N TYR A 147 -27.92 2.35 21.99
CA TYR A 147 -29.15 3.03 22.39
C TYR A 147 -30.36 2.37 21.72
N SER A 148 -31.41 2.16 22.49
CA SER A 148 -32.64 1.55 22.00
C SER A 148 -33.38 2.48 21.05
N HIS A 149 -34.17 1.90 20.16
CA HIS A 149 -35.08 2.68 19.33
C HIS A 149 -36.32 3.23 20.10
N ASP A 150 -36.40 3.04 21.43
CA ASP A 150 -37.41 3.69 22.27
C ASP A 150 -37.00 5.11 22.64
N ASP A 151 -35.73 5.26 23.01
CA ASP A 151 -35.15 6.50 23.53
C ASP A 151 -35.50 7.73 22.68
N PRO A 152 -36.47 8.56 23.10
CA PRO A 152 -36.83 9.74 22.30
C PRO A 152 -35.76 10.84 22.34
N GLU A 153 -35.00 10.92 23.44
CA GLU A 153 -33.93 11.91 23.60
C GLU A 153 -32.70 11.58 22.74
N PHE A 154 -32.54 10.31 22.36
CA PHE A 154 -31.47 9.95 21.45
C PHE A 154 -31.95 10.32 20.07
N ARG A 155 -33.12 9.81 19.70
CA ARG A 155 -33.71 10.12 18.39
C ARG A 155 -33.79 11.62 18.14
N GLU A 156 -34.10 12.40 19.18
CA GLU A 156 -33.96 13.86 19.15
C GLU A 156 -32.59 14.29 18.66
N LEU A 157 -31.56 14.02 19.46
CA LEU A 157 -30.17 14.30 19.11
C LEU A 157 -29.80 14.02 17.63
N LEU A 158 -30.47 13.05 17.01
CA LEU A 158 -30.21 12.71 15.61
C LEU A 158 -31.11 13.46 14.62
N SER A 159 -32.30 13.90 15.07
CA SER A 159 -33.29 14.51 14.17
C SER A 159 -33.02 15.96 13.74
N HIS A 160 -31.77 16.42 13.86
CA HIS A 160 -31.39 17.76 13.37
C HIS A 160 -30.22 17.72 12.36
N ASN A 161 -29.96 16.58 11.73
CA ASN A 161 -28.85 16.51 10.77
C ASN A 161 -29.01 17.41 9.51
N GLU A 162 -30.23 17.50 9.01
CA GLU A 162 -30.47 18.35 7.86
C GLU A 162 -30.01 19.79 8.18
N GLU A 163 -30.05 20.20 9.46
CA GLU A 163 -29.53 21.52 9.84
C GLU A 163 -28.03 21.58 9.66
N PHE A 164 -27.31 20.66 10.30
CA PHE A 164 -25.85 20.69 10.28
C PHE A 164 -25.28 20.65 8.86
N GLY A 165 -26.00 20.04 7.92
CA GLY A 165 -25.61 20.11 6.53
C GLY A 165 -25.65 21.52 5.95
N ARG A 166 -26.87 22.01 5.77
CA ARG A 166 -27.17 23.36 5.29
C ARG A 166 -26.21 24.46 5.71
N THR A 167 -25.96 24.53 7.01
CA THR A 167 -25.19 25.63 7.58
C THR A 167 -23.79 25.66 7.01
N VAL A 168 -23.09 24.54 7.15
CA VAL A 168 -21.67 24.44 6.77
C VAL A 168 -21.45 23.79 5.41
N GLY A 169 -22.53 23.40 4.75
CA GLY A 169 -22.45 22.99 3.35
C GLY A 169 -21.79 24.06 2.49
N ALA A 170 -20.96 23.62 1.54
CA ALA A 170 -20.56 24.50 0.47
C ALA A 170 -21.82 24.95 -0.29
N GLY A 171 -21.81 26.23 -0.65
CA GLY A 171 -22.92 26.95 -1.30
C GLY A 171 -23.66 27.92 -0.39
N SER A 172 -23.24 28.05 0.88
CA SER A 172 -24.08 28.64 1.96
C SER A 172 -23.88 30.12 2.19
N LEU A 173 -24.72 30.65 3.09
CA LEU A 173 -24.87 32.09 3.32
C LEU A 173 -24.80 32.51 4.80
N VAL A 174 -24.32 31.63 5.68
CA VAL A 174 -24.27 31.87 7.12
C VAL A 174 -22.91 32.50 7.55
N ASP A 175 -21.87 32.19 6.79
CA ASP A 175 -20.51 32.69 7.00
C ASP A 175 -20.17 33.85 6.08
N VAL A 176 -20.48 33.66 4.79
CA VAL A 176 -20.07 34.61 3.72
C VAL A 176 -20.96 35.84 3.57
N MET A 177 -22.08 35.87 4.33
CA MET A 177 -22.96 37.03 4.47
C MET A 177 -23.44 37.25 5.94
N PRO A 178 -22.52 37.63 6.84
CA PRO A 178 -22.82 38.02 8.22
C PRO A 178 -23.90 39.09 8.45
N TRP A 179 -24.22 39.87 7.40
CA TRP A 179 -25.31 40.85 7.47
C TRP A 179 -26.70 40.22 7.61
N LEU A 180 -26.85 38.93 7.27
CA LEU A 180 -28.17 38.28 7.31
C LEU A 180 -28.65 37.92 8.71
N GLN A 181 -27.76 37.93 9.71
CA GLN A 181 -28.13 37.52 11.09
C GLN A 181 -28.72 38.61 11.99
N TYR A 182 -29.50 39.55 11.44
CA TYR A 182 -30.16 40.58 12.26
C TYR A 182 -31.67 40.56 12.14
N PHE A 183 -32.24 39.58 11.43
CA PHE A 183 -33.68 39.58 11.16
C PHE A 183 -34.22 38.22 10.69
N PRO A 184 -35.47 37.87 11.05
CA PRO A 184 -36.11 36.62 10.60
C PRO A 184 -36.14 36.40 9.08
N ASN A 185 -35.75 35.18 8.67
CA ASN A 185 -35.65 34.70 7.25
C ASN A 185 -34.71 33.46 7.20
N PRO A 186 -34.90 32.56 6.22
CA PRO A 186 -34.26 31.25 6.27
C PRO A 186 -32.84 31.22 6.87
N VAL A 187 -31.97 32.13 6.41
CA VAL A 187 -30.53 32.09 6.77
C VAL A 187 -30.27 32.44 8.24
N ARG A 188 -31.20 33.17 8.84
CA ARG A 188 -31.16 33.45 10.28
C ARG A 188 -31.54 32.21 11.07
N THR A 189 -32.65 31.59 10.67
CA THR A 189 -33.11 30.32 11.24
C THR A 189 -31.96 29.34 11.19
N VAL A 190 -31.64 28.90 9.97
CA VAL A 190 -30.78 27.76 9.75
C VAL A 190 -29.46 27.76 10.56
N PHE A 191 -28.96 28.94 10.95
CA PHE A 191 -27.77 29.03 11.82
C PHE A 191 -28.04 29.00 13.32
N ARG A 192 -29.16 29.58 13.76
CA ARG A 192 -29.49 29.55 15.19
C ARG A 192 -29.86 28.14 15.64
N GLU A 193 -30.65 27.45 14.82
CA GLU A 193 -30.91 26.02 15.00
C GLU A 193 -29.59 25.26 15.03
N PHE A 194 -28.70 25.59 14.11
CA PHE A 194 -27.36 25.00 14.05
C PHE A 194 -26.54 25.15 15.34
N GLU A 195 -26.46 26.35 15.90
CA GLU A 195 -25.74 26.52 17.17
C GLU A 195 -26.37 25.69 18.29
N GLN A 196 -27.68 25.43 18.20
CA GLN A 196 -28.43 24.59 19.18
C GLN A 196 -27.95 23.15 19.19
N LEU A 197 -27.97 22.52 18.02
CA LEU A 197 -27.64 21.09 17.88
C LEU A 197 -26.16 20.77 17.97
N ASN A 198 -25.30 21.79 17.91
CA ASN A 198 -23.90 21.62 18.33
C ASN A 198 -23.73 21.65 19.84
N ARG A 199 -24.50 22.54 20.49
CA ARG A 199 -24.57 22.54 21.95
C ARG A 199 -24.95 21.13 22.41
N ASN A 200 -26.00 20.55 21.82
CA ASN A 200 -26.51 19.26 22.25
C ASN A 200 -25.65 18.08 21.89
N PHE A 201 -24.75 18.21 20.93
CA PHE A 201 -23.76 17.14 20.65
C PHE A 201 -22.58 17.24 21.61
N SER A 202 -22.02 18.44 21.77
CA SER A 202 -20.88 18.62 22.67
C SER A 202 -21.28 18.60 24.17
N ASN A 203 -22.56 18.83 24.48
CA ASN A 203 -23.07 18.47 25.81
C ASN A 203 -23.33 16.94 25.95
N PHE A 204 -23.71 16.27 24.88
CA PHE A 204 -23.90 14.82 24.93
C PHE A 204 -22.58 14.05 25.03
N ILE A 205 -21.45 14.68 24.75
CA ILE A 205 -20.20 13.95 24.61
C ILE A 205 -19.20 14.30 25.67
N LEU A 206 -19.08 15.58 26.01
CA LEU A 206 -18.36 15.97 27.22
C LEU A 206 -19.02 15.26 28.41
N ASP A 207 -20.32 14.97 28.30
CA ASP A 207 -21.00 14.10 29.25
C ASP A 207 -20.34 12.74 29.39
N LYS A 208 -20.17 12.06 28.27
CA LYS A 208 -19.52 10.75 28.26
C LYS A 208 -18.03 10.84 28.57
N PHE A 209 -17.45 12.03 28.43
CA PHE A 209 -16.06 12.27 28.78
C PHE A 209 -15.83 12.25 30.28
N LEU A 210 -16.78 12.78 31.04
CA LEU A 210 -16.66 12.79 32.51
C LEU A 210 -16.74 11.34 33.01
N ARG A 211 -17.86 10.66 32.72
CA ARG A 211 -18.08 9.30 33.24
C ARG A 211 -17.02 8.27 32.87
N HIS A 212 -16.38 8.44 31.73
CA HIS A 212 -15.27 7.58 31.33
C HIS A 212 -13.99 7.94 32.06
N CYS A 213 -13.84 9.22 32.39
CA CYS A 213 -12.79 9.66 33.27
C CYS A 213 -13.05 9.12 34.69
N GLU A 214 -14.32 9.17 35.10
CA GLU A 214 -14.71 8.58 36.38
C GLU A 214 -14.39 7.06 36.39
N SER A 215 -14.60 6.37 35.27
CA SER A 215 -14.34 4.91 35.14
C SER A 215 -12.88 4.42 35.29
N LEU A 216 -11.94 5.03 34.59
CA LEU A 216 -10.61 4.43 34.28
C LEU A 216 -9.55 4.53 35.37
N ARG A 217 -9.57 3.59 36.31
CA ARG A 217 -8.76 3.73 37.55
C ARG A 217 -7.43 2.95 37.39
N PRO A 218 -6.29 3.69 37.25
CA PRO A 218 -5.01 3.33 36.58
C PRO A 218 -4.80 1.86 36.16
N GLY A 219 -4.99 0.92 37.09
CA GLY A 219 -5.01 -0.50 36.77
C GLY A 219 -6.21 -0.77 35.90
N ALA A 220 -6.02 -0.67 34.58
CA ALA A 220 -7.12 -0.75 33.61
C ALA A 220 -6.61 -1.00 32.18
N ALA A 221 -7.46 -1.58 31.33
CA ALA A 221 -7.22 -1.64 29.89
C ALA A 221 -8.40 -0.97 29.21
N PRO A 222 -8.15 -0.04 28.27
CA PRO A 222 -9.19 0.88 27.80
C PRO A 222 -10.35 0.11 27.21
N ARG A 223 -11.55 0.32 27.76
CA ARG A 223 -12.73 -0.45 27.34
C ARG A 223 -13.65 0.32 26.38
N ASP A 224 -13.08 1.24 25.62
CA ASP A 224 -13.80 2.11 24.70
C ASP A 224 -12.78 2.83 23.83
N MET A 225 -13.26 3.60 22.86
CA MET A 225 -12.39 4.54 22.16
C MET A 225 -12.28 5.84 22.95
N MET A 226 -13.40 6.27 23.54
CA MET A 226 -13.37 7.34 24.53
C MET A 226 -12.25 7.08 25.55
N ASP A 227 -12.24 5.87 26.11
CA ASP A 227 -11.17 5.40 26.98
C ASP A 227 -9.83 5.53 26.23
N ALA A 228 -9.70 4.82 25.09
CA ALA A 228 -8.43 4.75 24.36
C ALA A 228 -7.79 6.11 24.04
N PHE A 229 -8.63 7.13 23.81
CA PHE A 229 -8.17 8.51 23.61
C PHE A 229 -7.74 9.15 24.91
N ILE A 230 -8.38 8.79 26.03
CA ILE A 230 -8.00 9.30 27.35
C ILE A 230 -6.74 8.59 27.87
N LEU A 231 -6.65 7.27 27.70
CA LEU A 231 -5.40 6.53 27.95
C LEU A 231 -4.25 7.19 27.14
N SER A 232 -4.50 7.44 25.86
CA SER A 232 -3.60 8.22 24.98
C SER A 232 -3.11 9.56 25.57
N ALA A 233 -4.01 10.34 26.12
CA ALA A 233 -3.69 11.66 26.67
C ALA A 233 -3.18 11.61 28.12
N GLU A 234 -3.70 10.69 28.94
CA GLU A 234 -3.16 10.47 30.30
C GLU A 234 -1.74 9.86 30.29
N LYS A 235 -1.35 9.20 29.20
CA LYS A 235 0.04 8.75 29.00
C LYS A 235 0.94 9.85 28.40
N LYS A 236 0.37 10.83 27.69
CA LYS A 236 1.11 12.04 27.33
C LYS A 236 1.07 13.17 28.41
N ALA A 237 0.51 12.89 29.60
CA ALA A 237 0.50 13.86 30.73
C ALA A 237 1.66 13.62 31.71
N ALA A 238 1.74 12.40 32.26
CA ALA A 238 2.76 11.99 33.26
C ALA A 238 3.92 11.16 32.66
N GLY A 239 4.40 11.59 31.49
CA GLY A 239 5.45 10.87 30.74
C GLY A 239 5.25 11.01 29.24
N ASP A 240 6.19 10.51 28.43
CA ASP A 240 6.09 10.58 26.96
C ASP A 240 5.15 9.49 26.43
N GLY A 245 3.00 7.27 19.64
CA GLY A 245 3.52 8.31 18.75
C GLY A 245 2.56 9.45 18.46
N ALA A 246 1.27 9.10 18.31
CA ALA A 246 0.17 10.06 18.05
C ALA A 246 -0.78 10.15 19.24
N ARG A 247 -0.69 11.25 19.99
CA ARG A 247 -1.40 11.39 21.26
C ARG A 247 -1.76 12.88 21.54
N LEU A 248 -3.05 13.13 21.72
CA LEU A 248 -3.58 14.47 21.99
C LEU A 248 -3.22 15.02 23.39
N ASP A 249 -3.79 16.18 23.69
CA ASP A 249 -4.06 16.61 25.08
C ASP A 249 -5.54 16.29 25.36
N LEU A 250 -5.87 15.93 26.62
CA LEU A 250 -7.25 15.57 26.99
C LEU A 250 -8.27 16.57 26.43
N GLU A 251 -8.01 17.87 26.64
CA GLU A 251 -8.91 18.98 26.26
C GLU A 251 -9.51 18.93 24.84
N ASN A 252 -8.89 18.15 23.96
CA ASN A 252 -9.39 17.94 22.62
C ASN A 252 -10.04 16.57 22.42
N VAL A 253 -9.92 15.66 23.39
CA VAL A 253 -10.57 14.34 23.30
C VAL A 253 -12.12 14.41 23.22
N PRO A 254 -12.77 15.36 23.96
CA PRO A 254 -14.21 15.57 23.77
C PRO A 254 -14.51 15.98 22.34
N ALA A 255 -13.83 17.01 21.87
CA ALA A 255 -14.02 17.49 20.52
C ALA A 255 -13.77 16.40 19.47
N THR A 256 -12.64 15.68 19.54
CA THR A 256 -12.28 14.75 18.45
C THR A 256 -13.20 13.51 18.42
N ILE A 257 -13.67 13.02 19.57
CA ILE A 257 -14.67 11.92 19.58
C ILE A 257 -15.97 12.47 18.95
N THR A 258 -16.31 13.73 19.23
CA THR A 258 -17.54 14.32 18.73
C THR A 258 -17.55 14.28 17.25
N ASP A 259 -16.45 14.64 16.63
CA ASP A 259 -16.36 14.64 15.15
C ASP A 259 -16.53 13.23 14.56
N ILE A 260 -15.94 12.23 15.22
CA ILE A 260 -15.97 10.84 14.76
C ILE A 260 -17.36 10.20 14.96
N PHE A 261 -18.10 10.62 15.98
CA PHE A 261 -19.47 10.17 16.19
C PHE A 261 -20.41 10.90 15.28
N GLY A 262 -20.31 12.22 15.30
CA GLY A 262 -21.21 13.07 14.51
C GLY A 262 -21.07 12.90 13.02
N ALA A 263 -19.84 12.70 12.56
CA ALA A 263 -19.61 12.42 11.15
C ALA A 263 -20.33 11.18 10.66
N SER A 264 -19.99 10.07 11.29
CA SER A 264 -20.43 8.71 10.97
C SER A 264 -21.94 8.61 11.04
N GLN A 265 -22.47 8.87 12.21
CA GLN A 265 -23.88 8.86 12.37
C GLN A 265 -24.65 9.50 11.21
N ASP A 266 -24.21 10.67 10.73
CA ASP A 266 -24.94 11.44 9.67
C ASP A 266 -24.73 10.88 8.28
N THR A 267 -23.46 10.66 7.94
CA THR A 267 -23.11 10.23 6.59
C THR A 267 -23.46 8.77 6.34
N LEU A 268 -22.97 7.88 7.22
CA LEU A 268 -23.30 6.44 7.13
C LEU A 268 -24.80 6.16 7.24
N SER A 269 -25.54 7.06 7.87
CA SER A 269 -26.99 7.03 7.85
C SER A 269 -27.51 7.33 6.44
N THR A 270 -26.98 8.37 5.81
CA THR A 270 -27.31 8.70 4.42
C THR A 270 -26.95 7.53 3.52
N ALA A 271 -25.67 7.16 3.50
CA ALA A 271 -25.21 6.09 2.61
C ALA A 271 -26.18 4.91 2.65
N LEU A 272 -26.47 4.42 3.84
CA LEU A 272 -27.39 3.31 4.01
C LEU A 272 -28.85 3.62 3.64
N GLN A 273 -29.18 4.90 3.43
CA GLN A 273 -30.50 5.29 2.94
C GLN A 273 -30.53 5.11 1.47
N TRP A 274 -29.53 5.70 0.83
CA TRP A 274 -29.40 5.68 -0.63
C TRP A 274 -29.41 4.26 -1.29
N LEU A 275 -28.85 3.29 -0.59
CA LEU A 275 -28.72 1.95 -1.11
C LEU A 275 -30.08 1.27 -1.16
N LEU A 276 -30.89 1.53 -0.16
CA LEU A 276 -32.24 1.01 -0.15
C LEU A 276 -33.08 1.66 -1.24
N LEU A 277 -32.79 2.94 -1.46
CA LEU A 277 -33.43 3.73 -2.52
C LEU A 277 -33.01 3.26 -3.90
N LEU A 278 -31.77 2.80 -4.04
CA LEU A 278 -31.34 2.14 -5.28
C LEU A 278 -31.92 0.72 -5.51
N PHE A 279 -32.16 -0.06 -4.45
CA PHE A 279 -32.90 -1.36 -4.59
C PHE A 279 -34.38 -1.16 -4.94
N THR A 280 -35.02 -0.19 -4.27
CA THR A 280 -36.46 0.10 -4.48
C THR A 280 -36.71 0.72 -5.86
N ARG A 281 -35.85 1.67 -6.24
CA ARG A 281 -35.95 2.36 -7.52
C ARG A 281 -35.04 1.79 -8.61
N TYR A 282 -34.48 0.59 -8.44
CA TYR A 282 -33.88 -0.21 -9.56
C TYR A 282 -34.00 -1.74 -9.33
N PRO A 283 -35.23 -2.28 -9.16
CA PRO A 283 -35.48 -3.67 -8.68
C PRO A 283 -34.51 -4.76 -9.13
N ASP A 284 -34.00 -4.64 -10.35
CA ASP A 284 -33.10 -5.65 -10.93
C ASP A 284 -31.60 -5.54 -10.55
N VAL A 285 -31.16 -4.43 -9.95
CA VAL A 285 -29.85 -4.41 -9.26
C VAL A 285 -29.97 -5.01 -7.87
N GLN A 286 -31.14 -4.88 -7.25
CA GLN A 286 -31.43 -5.54 -5.97
C GLN A 286 -31.28 -7.03 -6.25
N THR A 287 -32.01 -7.51 -7.25
CA THR A 287 -31.95 -8.90 -7.72
C THR A 287 -30.54 -9.45 -7.91
N ARG A 288 -29.73 -8.80 -8.72
CA ARG A 288 -28.36 -9.25 -8.88
C ARG A 288 -27.67 -9.31 -7.52
N VAL A 289 -27.60 -8.20 -6.78
CA VAL A 289 -26.80 -8.21 -5.53
C VAL A 289 -27.33 -9.31 -4.64
N GLN A 290 -28.65 -9.47 -4.65
CA GLN A 290 -29.33 -10.44 -3.81
C GLN A 290 -29.04 -11.88 -4.25
N ALA A 291 -28.92 -12.10 -5.56
CA ALA A 291 -28.46 -13.39 -6.09
C ALA A 291 -27.01 -13.67 -5.74
N GLU A 292 -26.10 -12.87 -6.28
CA GLU A 292 -24.65 -13.11 -6.09
C GLU A 292 -24.28 -13.31 -4.63
N LEU A 293 -25.03 -12.69 -3.73
CA LEU A 293 -24.86 -12.95 -2.32
C LEU A 293 -25.21 -14.40 -2.09
N ASP A 294 -26.41 -14.80 -2.49
CA ASP A 294 -26.86 -16.18 -2.27
C ASP A 294 -25.82 -17.21 -2.68
N GLN A 295 -25.46 -17.26 -3.96
CA GLN A 295 -24.47 -18.23 -4.47
C GLN A 295 -23.13 -18.24 -3.71
N VAL A 296 -22.51 -17.06 -3.58
CA VAL A 296 -21.17 -16.92 -3.00
C VAL A 296 -21.12 -17.39 -1.55
N VAL A 297 -22.18 -17.12 -0.79
CA VAL A 297 -22.24 -17.53 0.62
C VAL A 297 -23.24 -18.67 0.88
N GLY A 298 -24.44 -18.53 0.33
CA GLY A 298 -25.49 -19.52 0.52
C GLY A 298 -26.69 -18.85 1.13
N ARG A 299 -27.76 -19.63 1.17
CA ARG A 299 -28.86 -19.42 2.09
C ARG A 299 -28.48 -20.03 3.44
N ASP A 300 -27.65 -21.06 3.39
CA ASP A 300 -27.33 -21.92 4.52
C ASP A 300 -26.69 -21.17 5.69
N ARG A 301 -25.93 -20.12 5.37
CA ARG A 301 -25.24 -19.29 6.35
C ARG A 301 -25.22 -17.82 5.92
N LEU A 302 -25.49 -16.91 6.85
CA LEU A 302 -25.59 -15.47 6.52
C LEU A 302 -24.19 -14.91 6.30
N PRO A 303 -24.07 -13.80 5.54
CA PRO A 303 -22.78 -13.46 4.97
C PRO A 303 -21.94 -12.64 5.93
N CYS A 304 -20.63 -12.73 5.76
CA CYS A 304 -19.67 -12.04 6.62
C CYS A 304 -18.65 -11.34 5.77
N MET A 305 -17.84 -10.54 6.45
CA MET A 305 -16.84 -9.66 5.80
C MET A 305 -15.76 -10.37 4.98
N GLY A 306 -15.51 -11.64 5.34
CA GLY A 306 -14.65 -12.51 4.55
C GLY A 306 -15.06 -12.49 3.09
N ASP A 307 -16.36 -12.59 2.86
CA ASP A 307 -16.93 -12.77 1.52
C ASP A 307 -16.65 -11.66 0.47
N GLN A 308 -15.92 -10.61 0.84
CA GLN A 308 -15.86 -9.37 0.05
C GLN A 308 -15.20 -9.49 -1.35
N PRO A 309 -13.92 -9.94 -1.43
CA PRO A 309 -13.36 -10.18 -2.78
C PRO A 309 -14.18 -11.16 -3.64
N ASN A 310 -14.83 -12.14 -3.00
CA ASN A 310 -15.75 -13.09 -3.64
C ASN A 310 -17.11 -12.51 -4.03
N LEU A 311 -17.39 -11.23 -3.71
CA LEU A 311 -18.64 -10.53 -4.07
C LEU A 311 -18.46 -9.29 -4.99
N PRO A 312 -17.98 -9.47 -6.24
CA PRO A 312 -17.76 -8.41 -7.24
C PRO A 312 -18.90 -7.46 -7.60
N TYR A 313 -20.14 -7.91 -7.48
CA TYR A 313 -21.28 -7.03 -7.72
C TYR A 313 -21.54 -6.11 -6.53
N VAL A 314 -21.57 -6.68 -5.32
CA VAL A 314 -21.90 -5.93 -4.10
C VAL A 314 -20.88 -4.82 -3.83
N LEU A 315 -19.66 -4.94 -4.34
CA LEU A 315 -18.74 -3.80 -4.44
C LEU A 315 -19.12 -2.91 -5.61
N ALA A 316 -19.29 -3.51 -6.79
CA ALA A 316 -19.67 -2.78 -8.01
C ALA A 316 -21.00 -1.98 -7.91
N PHE A 317 -21.84 -2.31 -6.92
CA PHE A 317 -23.07 -1.56 -6.57
C PHE A 317 -22.77 -0.49 -5.55
N LEU A 318 -22.16 -0.91 -4.44
CA LEU A 318 -21.59 -0.01 -3.43
C LEU A 318 -20.99 1.21 -4.08
N TYR A 319 -20.14 0.99 -5.10
CA TYR A 319 -19.38 2.06 -5.81
C TYR A 319 -20.20 2.87 -6.79
N GLU A 320 -21.06 2.22 -7.55
CA GLU A 320 -21.95 2.98 -8.42
C GLU A 320 -22.93 3.84 -7.61
N ALA A 321 -23.43 3.28 -6.53
CA ALA A 321 -24.24 4.02 -5.58
C ALA A 321 -23.46 5.20 -5.09
N MET A 322 -22.22 4.98 -4.70
CA MET A 322 -21.40 6.08 -4.27
C MET A 322 -21.35 7.15 -5.36
N ARG A 323 -20.91 6.77 -6.55
CA ARG A 323 -20.75 7.68 -7.71
C ARG A 323 -22.04 8.43 -8.12
N PHE A 324 -23.07 7.67 -8.56
CA PHE A 324 -24.39 8.18 -9.03
C PHE A 324 -24.97 9.17 -8.07
N SER A 325 -25.02 8.74 -6.80
CA SER A 325 -25.47 9.55 -5.68
C SER A 325 -24.53 10.71 -5.64
N SER A 326 -23.26 10.40 -5.42
CA SER A 326 -22.27 11.40 -5.03
C SER A 326 -22.81 12.16 -3.79
N PHE A 327 -23.33 11.39 -2.81
CA PHE A 327 -24.11 11.99 -1.73
C PHE A 327 -23.37 13.03 -0.90
N VAL A 328 -22.03 13.06 -0.97
CA VAL A 328 -21.23 14.23 -0.58
C VAL A 328 -20.72 14.79 -1.90
N PRO A 329 -21.47 15.75 -2.48
CA PRO A 329 -21.04 16.34 -3.74
C PRO A 329 -19.97 17.46 -3.61
N VAL A 330 -19.98 18.20 -2.51
CA VAL A 330 -18.98 19.25 -2.26
C VAL A 330 -18.42 19.15 -0.85
N THR A 331 -17.13 18.89 -0.81
CA THR A 331 -16.40 18.62 0.42
C THR A 331 -16.45 19.86 1.23
N ILE A 332 -16.40 19.68 2.56
CA ILE A 332 -16.17 20.78 3.50
C ILE A 332 -15.17 21.75 2.89
N PRO A 333 -15.58 23.02 2.65
CA PRO A 333 -14.77 23.99 1.95
C PRO A 333 -13.32 24.05 2.42
N HIS A 334 -12.37 23.98 1.48
CA HIS A 334 -10.95 24.11 1.78
C HIS A 334 -10.60 25.59 1.69
N ALA A 335 -9.36 25.91 2.07
CA ALA A 335 -8.78 27.24 1.90
C ALA A 335 -7.31 27.06 1.72
N THR A 336 -6.61 28.14 1.41
CA THR A 336 -5.18 28.08 1.07
C THR A 336 -4.17 28.41 2.20
N THR A 337 -2.99 27.79 2.10
CA THR A 337 -1.95 27.90 3.12
C THR A 337 -1.00 28.98 2.66
N ALA A 338 -0.38 28.75 1.49
CA ALA A 338 0.38 29.76 0.76
C ALA A 338 -0.20 29.89 -0.64
N ASN A 339 0.43 30.68 -1.49
CA ASN A 339 -0.02 30.87 -2.85
C ASN A 339 0.02 29.58 -3.68
N THR A 340 -0.66 29.62 -4.82
CA THR A 340 -0.74 28.47 -5.73
C THR A 340 -1.35 28.80 -7.12
N SER A 341 -1.41 27.78 -7.95
CA SER A 341 -2.01 27.89 -9.28
C SER A 341 -2.53 26.53 -9.71
N VAL A 342 -3.73 26.52 -10.31
CA VAL A 342 -4.37 25.31 -10.85
C VAL A 342 -4.85 25.61 -12.27
N LEU A 343 -4.53 24.69 -13.20
CA LEU A 343 -4.71 24.85 -14.67
C LEU A 343 -4.28 26.22 -15.09
N GLY A 344 -3.08 26.60 -14.70
CA GLY A 344 -2.65 27.97 -14.78
C GLY A 344 -3.28 28.82 -13.70
N TYR A 345 -4.61 29.00 -13.72
CA TYR A 345 -5.27 30.12 -12.99
C TYR A 345 -4.72 30.37 -11.57
N HIS A 346 -4.14 31.57 -11.35
CA HIS A 346 -3.42 31.90 -10.12
C HIS A 346 -4.38 32.19 -8.97
N ILE A 347 -4.21 31.45 -7.86
CA ILE A 347 -5.20 31.40 -6.75
C ILE A 347 -4.59 31.93 -5.43
N PRO A 348 -4.93 33.19 -5.02
CA PRO A 348 -4.20 33.87 -3.92
C PRO A 348 -4.29 33.16 -2.58
N LYS A 349 -3.33 33.44 -1.69
CA LYS A 349 -3.33 32.83 -0.35
C LYS A 349 -4.61 33.21 0.41
N ASP A 350 -5.02 32.30 1.30
CA ASP A 350 -6.23 32.42 2.13
C ASP A 350 -7.52 32.55 1.36
N THR A 351 -7.50 32.31 0.05
CA THR A 351 -8.71 32.39 -0.70
C THR A 351 -9.54 31.15 -0.30
N VAL A 352 -10.85 31.35 -0.26
CA VAL A 352 -11.80 30.28 0.01
C VAL A 352 -11.79 29.34 -1.21
N VAL A 353 -12.02 28.05 -0.98
CA VAL A 353 -12.00 27.05 -2.05
C VAL A 353 -13.12 26.05 -1.82
N PHE A 354 -13.74 25.59 -2.91
CA PHE A 354 -14.68 24.43 -2.94
C PHE A 354 -14.05 23.27 -3.72
N VAL A 355 -14.59 22.06 -3.57
CA VAL A 355 -14.10 20.90 -4.34
C VAL A 355 -15.30 20.13 -4.87
N ASN A 356 -15.55 20.15 -6.17
CA ASN A 356 -16.73 19.48 -6.70
C ASN A 356 -16.52 17.97 -6.86
N GLN A 357 -17.06 17.20 -5.94
CA GLN A 357 -16.98 15.74 -6.05
C GLN A 357 -17.95 15.20 -7.10
N TRP A 358 -19.07 15.90 -7.34
CA TRP A 358 -20.04 15.49 -8.38
C TRP A 358 -19.50 15.69 -9.81
N SER A 359 -18.48 16.54 -9.97
CA SER A 359 -17.86 16.77 -11.28
C SER A 359 -16.64 15.87 -11.57
N VAL A 360 -16.35 14.94 -10.68
CA VAL A 360 -15.47 13.82 -10.99
C VAL A 360 -16.36 12.62 -11.34
N ASN A 361 -17.41 12.41 -10.55
CA ASN A 361 -18.35 11.30 -10.70
C ASN A 361 -19.40 11.47 -11.82
N HIS A 362 -19.42 12.62 -12.48
CA HIS A 362 -20.35 12.80 -13.60
C HIS A 362 -19.80 13.45 -14.88
N ASP A 363 -18.49 13.75 -14.92
CA ASP A 363 -17.81 14.14 -16.17
C ASP A 363 -18.08 13.03 -17.21
N PRO A 364 -18.84 13.34 -18.30
CA PRO A 364 -19.11 12.26 -19.26
C PRO A 364 -18.03 11.98 -20.31
N VAL A 365 -16.89 12.67 -20.24
CA VAL A 365 -15.70 12.21 -20.99
C VAL A 365 -15.02 11.07 -20.23
N LYS A 366 -15.16 11.04 -18.91
CA LYS A 366 -14.60 9.96 -18.11
C LYS A 366 -15.64 8.90 -17.74
N TRP A 367 -16.84 9.32 -17.36
CA TRP A 367 -17.93 8.39 -16.94
C TRP A 367 -19.12 8.28 -17.95
N PRO A 368 -19.00 7.43 -18.99
CA PRO A 368 -19.98 7.28 -20.09
C PRO A 368 -21.50 7.48 -19.81
N ASN A 369 -22.13 6.58 -19.05
CA ASN A 369 -23.58 6.64 -18.77
C ASN A 369 -23.84 7.47 -17.51
N PRO A 370 -23.61 8.79 -17.57
CA PRO A 370 -23.30 9.49 -16.32
C PRO A 370 -24.45 9.55 -15.28
N GLU A 371 -25.68 9.69 -15.73
CA GLU A 371 -26.85 9.69 -14.85
C GLU A 371 -27.62 8.36 -14.84
N ASN A 372 -27.15 7.35 -15.57
CA ASN A 372 -27.72 6.00 -15.46
C ASN A 372 -27.11 5.32 -14.25
N PHE A 373 -27.96 4.71 -13.43
CA PHE A 373 -27.46 3.83 -12.39
C PHE A 373 -27.04 2.57 -13.15
N ASP A 374 -25.74 2.30 -13.16
CA ASP A 374 -25.19 1.12 -13.78
C ASP A 374 -24.06 0.63 -12.90
N PRO A 375 -24.34 -0.33 -11.99
CA PRO A 375 -23.32 -1.02 -11.16
C PRO A 375 -22.35 -1.84 -11.97
N ALA A 376 -22.89 -2.63 -12.90
CA ALA A 376 -22.07 -3.45 -13.78
C ALA A 376 -21.06 -2.64 -14.61
N ARG A 377 -21.18 -1.31 -14.58
CA ARG A 377 -20.10 -0.38 -14.95
C ARG A 377 -18.73 -0.79 -14.43
N PHE A 378 -18.70 -1.26 -13.18
CA PHE A 378 -17.46 -1.62 -12.53
C PHE A 378 -17.04 -3.07 -12.76
N LEU A 379 -17.25 -3.59 -13.95
CA LEU A 379 -17.04 -5.00 -14.13
C LEU A 379 -16.23 -5.39 -15.37
N ASP A 380 -15.18 -6.13 -15.04
CA ASP A 380 -14.19 -6.72 -15.92
C ASP A 380 -14.84 -7.73 -16.82
N LYS A 381 -14.15 -8.06 -17.90
CA LYS A 381 -14.69 -8.97 -18.92
C LYS A 381 -15.07 -10.34 -18.31
N ASP A 382 -14.07 -11.07 -17.82
CA ASP A 382 -14.29 -12.35 -17.14
C ASP A 382 -15.12 -12.20 -15.88
N GLY A 383 -15.41 -10.97 -15.48
CA GLY A 383 -16.50 -10.67 -14.59
C GLY A 383 -16.06 -10.04 -13.29
N LEU A 384 -14.75 -9.94 -13.08
CA LEU A 384 -14.18 -9.36 -11.85
C LEU A 384 -14.54 -7.88 -11.55
N ILE A 385 -14.41 -7.51 -10.29
CA ILE A 385 -14.10 -6.11 -9.95
C ILE A 385 -12.84 -5.71 -10.71
N ASN A 386 -12.77 -4.46 -11.16
CA ASN A 386 -11.59 -3.96 -11.89
C ASN A 386 -11.01 -2.74 -11.21
N LYS A 387 -10.01 -3.02 -10.39
CA LYS A 387 -9.40 -2.06 -9.47
C LYS A 387 -9.07 -0.72 -10.12
N ASP A 388 -8.76 -0.77 -11.42
CA ASP A 388 -8.40 0.40 -12.20
C ASP A 388 -9.50 1.45 -12.17
N LEU A 389 -10.72 1.04 -12.54
CA LEU A 389 -11.88 1.96 -12.63
C LEU A 389 -12.48 2.33 -11.26
N THR A 390 -12.56 1.33 -10.38
CA THR A 390 -13.23 1.47 -9.08
C THR A 390 -12.53 2.45 -8.17
N SER A 391 -11.22 2.56 -8.30
CA SER A 391 -10.46 3.54 -7.56
C SER A 391 -10.37 4.87 -8.35
N ARG A 392 -11.52 5.41 -8.75
CA ARG A 392 -11.58 6.77 -9.30
C ARG A 392 -12.92 7.49 -9.04
N VAL A 393 -13.75 6.95 -8.16
CA VAL A 393 -15.00 7.56 -7.83
C VAL A 393 -14.62 8.51 -6.73
N MET A 394 -14.96 9.78 -6.85
CA MET A 394 -14.62 10.73 -5.78
C MET A 394 -15.79 10.87 -4.81
N ILE A 395 -15.60 10.38 -3.59
CA ILE A 395 -16.56 10.69 -2.48
C ILE A 395 -15.96 10.95 -1.06
N PHE A 396 -14.83 10.31 -0.75
CA PHE A 396 -14.14 10.56 0.52
C PHE A 396 -13.05 11.66 0.42
N SER A 397 -12.94 12.31 -0.75
CA SER A 397 -11.95 13.36 -0.99
C SER A 397 -10.51 12.81 -1.11
N VAL A 398 -9.51 13.69 -1.23
CA VAL A 398 -8.12 13.24 -1.26
C VAL A 398 -7.11 14.22 -0.74
N GLY A 399 -5.92 13.68 -0.47
CA GLY A 399 -4.81 14.48 0.06
C GLY A 399 -5.05 14.83 1.51
N LYS A 400 -4.62 16.02 1.92
CA LYS A 400 -4.45 16.29 3.33
C LYS A 400 -5.74 16.22 4.15
N ARG A 401 -6.90 16.51 3.56
CA ARG A 401 -8.17 16.55 4.33
C ARG A 401 -9.15 15.42 4.06
N ARG A 402 -8.69 14.38 3.34
CA ARG A 402 -9.53 13.23 3.00
C ARG A 402 -10.08 12.58 4.25
N CYS A 403 -11.10 11.78 4.04
CA CYS A 403 -11.84 11.19 5.13
C CYS A 403 -11.00 10.12 5.77
N ILE A 404 -11.13 10.02 7.09
CA ILE A 404 -10.31 9.09 7.88
C ILE A 404 -11.09 7.87 8.36
N GLY A 405 -12.39 7.84 8.14
CA GLY A 405 -13.16 6.65 8.37
C GLY A 405 -13.41 5.87 7.12
N GLU A 406 -13.02 6.40 5.94
CA GLU A 406 -13.30 5.76 4.65
C GLU A 406 -13.17 4.25 4.80
N GLU A 407 -12.02 3.84 5.33
CA GLU A 407 -11.68 2.44 5.59
C GLU A 407 -12.82 1.77 6.36
N LEU A 408 -13.22 2.39 7.47
CA LEU A 408 -14.31 1.89 8.33
C LEU A 408 -15.70 1.96 7.67
N SER A 409 -16.00 3.08 7.04
CA SER A 409 -17.34 3.30 6.53
C SER A 409 -17.68 2.38 5.38
N LYS A 410 -16.66 1.93 4.66
CA LYS A 410 -16.86 0.92 3.61
C LYS A 410 -17.19 -0.40 4.26
N MET A 411 -16.46 -0.77 5.30
CA MET A 411 -16.74 -2.06 5.98
C MET A 411 -18.05 -2.09 6.76
N GLN A 412 -18.67 -0.92 6.95
CA GLN A 412 -19.95 -0.81 7.63
C GLN A 412 -21.11 -0.91 6.68
N LEU A 413 -20.97 -0.31 5.50
CA LEU A 413 -22.01 -0.38 4.44
C LEU A 413 -22.04 -1.75 3.69
N PHE A 414 -20.88 -2.38 3.60
CA PHE A 414 -20.75 -3.66 2.95
C PHE A 414 -21.53 -4.69 3.72
N LEU A 415 -21.14 -4.94 4.97
CA LEU A 415 -21.91 -5.80 5.86
C LEU A 415 -23.38 -5.41 5.88
N PHE A 416 -23.67 -4.13 6.09
CA PHE A 416 -25.03 -3.70 6.35
C PHE A 416 -25.98 -4.05 5.22
N ILE A 417 -25.49 -4.05 3.98
CA ILE A 417 -26.35 -4.48 2.89
C ILE A 417 -26.21 -5.99 2.56
N SER A 418 -25.02 -6.52 2.81
CA SER A 418 -24.82 -7.94 2.71
C SER A 418 -25.75 -8.72 3.67
N ILE A 419 -26.09 -8.15 4.82
CA ILE A 419 -27.17 -8.69 5.64
C ILE A 419 -28.47 -8.33 4.94
N LEU A 420 -28.75 -7.03 4.82
CA LEU A 420 -30.10 -6.58 4.41
C LEU A 420 -30.61 -7.16 3.07
N ALA A 421 -29.70 -7.26 2.10
CA ALA A 421 -30.05 -7.85 0.82
C ALA A 421 -30.37 -9.29 1.13
N HIS A 422 -29.38 -9.99 1.70
CA HIS A 422 -29.46 -11.47 1.96
C HIS A 422 -30.59 -11.87 2.92
N GLN A 423 -31.11 -10.95 3.73
CA GLN A 423 -32.20 -11.29 4.64
C GLN A 423 -33.58 -10.72 4.30
N CYS A 424 -33.62 -9.59 3.59
CA CYS A 424 -34.88 -8.90 3.35
C CYS A 424 -35.18 -8.58 1.90
N ASP A 425 -36.43 -8.22 1.71
CA ASP A 425 -36.98 -7.85 0.43
C ASP A 425 -37.51 -6.44 0.43
N PHE A 426 -37.02 -5.61 -0.48
CA PHE A 426 -37.36 -4.20 -0.45
C PHE A 426 -38.25 -3.74 -1.63
N ARG A 427 -39.47 -3.27 -1.28
CA ARG A 427 -40.48 -2.78 -2.24
C ARG A 427 -40.68 -1.29 -2.18
N ALA A 428 -40.59 -0.66 -3.35
CA ALA A 428 -41.00 0.71 -3.51
C ALA A 428 -42.52 0.78 -3.47
N ASN A 429 -43.07 1.64 -2.62
CA ASN A 429 -44.49 2.01 -2.66
C ASN A 429 -44.95 2.41 -4.08
N PRO A 430 -45.85 1.61 -4.70
CA PRO A 430 -46.24 1.91 -6.09
C PRO A 430 -47.11 3.17 -6.25
N ASN A 431 -47.64 3.67 -5.12
CA ASN A 431 -48.43 4.89 -5.05
C ASN A 431 -47.55 6.05 -4.52
N GLU A 432 -46.49 6.37 -5.27
CA GLU A 432 -45.59 7.51 -5.01
C GLU A 432 -45.00 8.06 -6.35
N PRO A 433 -45.79 8.93 -7.06
CA PRO A 433 -45.44 9.27 -8.44
C PRO A 433 -44.25 10.25 -8.56
N ALA A 434 -44.51 11.58 -8.44
CA ALA A 434 -43.49 12.65 -8.62
C ALA A 434 -42.19 12.28 -7.90
N LYS A 435 -41.08 12.30 -8.64
CA LYS A 435 -39.87 11.53 -8.26
C LYS A 435 -39.25 11.82 -6.89
N MET A 436 -38.32 10.96 -6.51
CA MET A 436 -37.78 10.95 -5.18
C MET A 436 -37.00 12.25 -5.03
N ASN A 437 -37.65 13.24 -4.43
CA ASN A 437 -37.03 14.55 -4.12
C ASN A 437 -35.98 14.43 -3.00
N PHE A 438 -35.11 15.44 -2.88
CA PHE A 438 -33.98 15.42 -1.92
C PHE A 438 -33.95 16.66 -1.01
N SER A 439 -32.88 16.84 -0.25
CA SER A 439 -32.76 17.98 0.64
C SER A 439 -31.29 18.18 0.95
N TYR A 440 -30.71 19.08 0.19
CA TYR A 440 -29.28 19.11 0.01
C TYR A 440 -28.69 19.98 1.14
N GLY A 441 -27.49 19.62 1.60
CA GLY A 441 -26.81 20.37 2.66
C GLY A 441 -25.62 19.55 3.07
N LEU A 442 -24.45 19.83 2.51
CA LEU A 442 -23.31 19.00 2.88
C LEU A 442 -23.55 17.61 2.26
N THR A 443 -24.69 17.03 2.62
CA THR A 443 -25.10 15.69 2.15
C THR A 443 -26.46 15.73 1.45
N ILE A 444 -26.71 14.76 0.58
CA ILE A 444 -27.95 14.69 -0.19
C ILE A 444 -28.81 13.59 0.42
N LYS A 445 -29.68 13.97 1.35
CA LYS A 445 -30.54 13.02 2.05
C LYS A 445 -31.88 12.94 1.35
N PRO A 446 -32.38 11.72 1.06
CA PRO A 446 -33.71 11.64 0.43
C PRO A 446 -34.75 12.25 1.31
N LYS A 447 -35.73 12.90 0.68
CA LYS A 447 -36.94 13.30 1.39
C LYS A 447 -37.71 12.03 1.69
N SER A 448 -38.67 12.15 2.60
CA SER A 448 -39.48 11.01 3.04
C SER A 448 -39.77 10.06 1.86
N PHE A 449 -39.25 8.83 1.98
CA PHE A 449 -39.47 7.79 0.99
C PHE A 449 -39.86 6.50 1.69
N LYS A 450 -40.74 5.76 1.06
CA LYS A 450 -41.50 4.72 1.72
C LYS A 450 -41.23 3.35 1.09
N VAL A 451 -40.98 2.37 1.97
CA VAL A 451 -40.49 1.04 1.59
C VAL A 451 -41.15 -0.11 2.40
N ASN A 452 -41.49 -1.20 1.71
CA ASN A 452 -42.12 -2.40 2.32
C ASN A 452 -41.07 -3.49 2.43
N VAL A 453 -40.78 -3.92 3.66
CA VAL A 453 -39.76 -4.94 3.91
C VAL A 453 -40.34 -6.26 4.42
N THR A 454 -40.32 -7.28 3.56
CA THR A 454 -40.61 -8.66 3.95
C THR A 454 -39.30 -9.43 4.16
N LEU A 455 -39.34 -10.39 5.10
CA LEU A 455 -38.24 -11.34 5.36
C LEU A 455 -38.19 -12.41 4.26
N ARG A 456 -36.97 -12.75 3.83
CA ARG A 456 -36.75 -13.75 2.79
C ARG A 456 -37.10 -15.19 3.18
N GLU A 457 -36.59 -15.61 4.33
CA GLU A 457 -36.81 -16.96 4.83
C GLU A 457 -36.58 -17.09 6.34
N SER A 458 -37.45 -16.52 7.16
CA SER A 458 -37.31 -16.60 8.61
C SER A 458 -36.25 -15.64 9.14
N MET A 459 -35.94 -15.73 10.42
CA MET A 459 -34.91 -14.86 10.97
C MET A 459 -33.70 -15.71 11.35
N GLU A 460 -32.63 -15.58 10.56
CA GLU A 460 -31.40 -16.32 10.85
C GLU A 460 -30.50 -15.47 11.75
N LEU A 461 -30.85 -14.20 11.87
CA LEU A 461 -30.10 -13.26 12.69
C LEU A 461 -30.13 -13.65 14.16
N LEU A 462 -31.28 -14.11 14.63
CA LEU A 462 -31.41 -14.48 16.02
C LEU A 462 -30.16 -15.33 16.33
N ASP A 463 -29.18 -14.72 17.00
CA ASP A 463 -27.82 -15.26 17.18
C ASP A 463 -27.46 -16.50 16.35
N GLN B 1 11.39 -31.92 -9.33
CA GLN B 1 11.32 -30.89 -10.44
C GLN B 1 12.50 -29.88 -10.46
N ALA B 2 13.67 -30.28 -9.95
CA ALA B 2 14.78 -29.36 -9.68
C ALA B 2 16.14 -30.01 -9.73
N ALA B 3 17.14 -29.16 -9.91
CA ALA B 3 18.54 -29.57 -10.05
C ALA B 3 19.25 -29.54 -8.71
N HIS B 4 18.93 -28.53 -7.89
CA HIS B 4 19.52 -28.34 -6.54
C HIS B 4 19.18 -29.50 -5.59
N LEU B 5 17.95 -30.01 -5.75
CA LEU B 5 17.38 -31.06 -4.92
C LEU B 5 18.09 -32.37 -5.25
N SER B 6 18.03 -32.77 -6.53
CA SER B 6 18.67 -34.00 -7.05
C SER B 6 20.18 -34.06 -6.85
N PHE B 7 20.87 -32.92 -6.98
CA PHE B 7 22.32 -32.80 -6.65
C PHE B 7 22.65 -33.31 -5.24
N ALA B 8 21.66 -33.29 -4.33
CA ALA B 8 21.77 -34.01 -3.04
C ALA B 8 21.82 -35.54 -3.21
N ARG B 9 20.94 -36.13 -4.04
CA ARG B 9 20.89 -37.61 -4.21
C ARG B 9 22.19 -38.22 -4.68
N LEU B 10 22.85 -37.52 -5.60
CA LEU B 10 24.15 -37.92 -6.10
C LEU B 10 25.21 -37.60 -5.06
N ALA B 11 24.91 -36.67 -4.14
CA ALA B 11 25.75 -36.38 -2.97
C ALA B 11 25.57 -37.31 -1.75
N ARG B 12 24.34 -37.79 -1.57
CA ARG B 12 23.99 -38.72 -0.48
C ARG B 12 24.77 -40.04 -0.63
N ARG B 13 24.60 -40.66 -1.80
CA ARG B 13 25.25 -41.91 -2.13
C ARG B 13 26.73 -41.66 -2.36
N TYR B 14 27.05 -40.80 -3.33
CA TYR B 14 28.42 -40.70 -3.83
C TYR B 14 29.23 -39.53 -3.25
N GLY B 15 28.99 -39.20 -1.97
CA GLY B 15 29.80 -38.23 -1.21
C GLY B 15 29.51 -36.80 -1.62
N ASP B 16 30.19 -35.83 -1.03
CA ASP B 16 29.98 -34.44 -1.45
C ASP B 16 30.50 -34.23 -2.87
N VAL B 17 31.80 -34.29 -3.10
CA VAL B 17 32.32 -34.10 -4.48
C VAL B 17 31.93 -35.26 -5.39
N PHE B 18 31.28 -34.90 -6.48
CA PHE B 18 31.01 -35.79 -7.61
C PHE B 18 30.87 -34.98 -8.89
N GLN B 19 31.07 -35.65 -10.02
CA GLN B 19 30.88 -35.04 -11.34
C GLN B 19 29.81 -35.76 -12.15
N ILE B 20 29.32 -35.08 -13.19
CA ILE B 20 28.44 -35.68 -14.21
C ILE B 20 28.45 -34.73 -15.40
N ARG B 21 28.19 -35.26 -16.58
CA ARG B 21 28.05 -34.46 -17.76
C ARG B 21 26.59 -34.32 -18.09
N LEU B 22 26.27 -33.21 -18.76
CA LEU B 22 25.07 -33.07 -19.59
C LEU B 22 25.49 -32.69 -21.00
N GLY B 23 24.85 -33.29 -22.00
CA GLY B 23 25.16 -32.99 -23.40
C GLY B 23 26.53 -33.49 -23.81
N SER B 24 27.54 -32.63 -23.68
CA SER B 24 28.93 -33.08 -23.85
C SER B 24 29.98 -32.29 -23.04
N CYS B 25 29.56 -31.69 -21.91
CA CYS B 25 30.48 -30.94 -21.03
C CYS B 25 30.53 -31.50 -19.61
N PRO B 26 31.73 -31.95 -19.14
CA PRO B 26 31.94 -32.66 -17.87
C PRO B 26 31.93 -31.74 -16.66
N ILE B 27 30.89 -31.82 -15.82
CA ILE B 27 30.60 -30.80 -14.79
C ILE B 27 30.92 -31.38 -13.41
N VAL B 28 31.97 -30.84 -12.80
CA VAL B 28 32.41 -31.23 -11.46
C VAL B 28 31.58 -30.42 -10.47
N VAL B 29 31.18 -31.04 -9.36
CA VAL B 29 30.23 -30.43 -8.41
C VAL B 29 30.72 -30.51 -6.95
N LEU B 30 30.92 -29.35 -6.32
CA LEU B 30 31.15 -29.28 -4.88
C LEU B 30 29.81 -29.09 -4.19
N ASN B 31 29.69 -29.63 -2.96
CA ASN B 31 28.39 -29.72 -2.27
C ASN B 31 28.35 -29.30 -0.77
N GLY B 32 29.32 -29.73 0.03
CA GLY B 32 29.44 -29.25 1.42
C GLY B 32 30.32 -28.01 1.49
N GLU B 33 30.26 -27.26 2.59
CA GLU B 33 31.17 -26.12 2.84
C GLU B 33 32.64 -26.57 2.79
N ARG B 34 32.91 -27.75 3.34
CA ARG B 34 34.25 -28.33 3.39
C ARG B 34 34.79 -28.46 1.97
N ALA B 35 34.00 -29.07 1.09
CA ALA B 35 34.36 -29.18 -0.34
C ALA B 35 34.72 -27.83 -1.01
N ILE B 36 33.89 -26.81 -0.76
CA ILE B 36 33.92 -25.53 -1.48
C ILE B 36 34.96 -24.56 -0.92
N HIS B 37 35.00 -24.45 0.39
CA HIS B 37 35.99 -23.62 1.07
C HIS B 37 37.39 -24.25 0.98
N GLN B 38 37.45 -25.48 0.48
CA GLN B 38 38.71 -26.07 0.03
C GLN B 38 39.01 -25.72 -1.42
N ALA B 39 37.98 -25.81 -2.28
CA ALA B 39 38.07 -25.42 -3.69
C ALA B 39 38.26 -23.90 -3.90
N LEU B 40 37.27 -23.09 -3.51
CA LEU B 40 37.27 -21.63 -3.80
C LEU B 40 38.07 -20.74 -2.81
N VAL B 41 38.25 -21.20 -1.57
CA VAL B 41 39.09 -20.49 -0.58
C VAL B 41 40.48 -21.06 -0.54
N GLN B 42 40.63 -22.27 0.00
CA GLN B 42 41.95 -22.86 0.21
C GLN B 42 42.71 -23.09 -1.11
N GLN B 43 42.02 -23.11 -2.26
CA GLN B 43 42.68 -23.11 -3.58
C GLN B 43 42.08 -22.08 -4.54
N GLY B 44 42.32 -20.80 -4.26
CA GLY B 44 41.87 -19.71 -5.14
C GLY B 44 42.70 -19.64 -6.41
N SER B 45 42.10 -19.10 -7.46
CA SER B 45 42.69 -19.04 -8.82
C SER B 45 42.66 -20.38 -9.56
N ALA B 46 42.90 -21.49 -8.86
CA ALA B 46 42.56 -22.83 -9.37
C ALA B 46 41.05 -23.06 -9.39
N PHE B 47 40.25 -22.06 -9.01
CA PHE B 47 38.83 -22.00 -9.36
C PHE B 47 38.27 -20.60 -9.76
N ALA B 48 39.14 -19.61 -9.93
CA ALA B 48 38.70 -18.23 -10.18
C ALA B 48 38.19 -17.98 -11.58
N ASP B 49 38.79 -18.61 -12.59
CA ASP B 49 38.35 -18.44 -13.99
C ASP B 49 36.92 -18.99 -14.25
N ARG B 50 36.27 -18.47 -15.30
CA ARG B 50 35.03 -19.06 -15.86
C ARG B 50 35.38 -19.93 -17.07
N PRO B 51 34.57 -20.95 -17.34
CA PRO B 51 34.71 -21.63 -18.62
C PRO B 51 34.15 -20.72 -19.72
N SER B 52 34.49 -21.00 -20.99
CA SER B 52 33.92 -20.24 -22.10
C SER B 52 32.74 -21.01 -22.72
N PHE B 53 31.60 -20.91 -22.05
CA PHE B 53 30.30 -21.19 -22.68
C PHE B 53 30.11 -20.13 -23.81
N ALA B 54 29.29 -20.47 -24.80
CA ALA B 54 28.99 -19.58 -25.94
C ALA B 54 28.34 -18.32 -25.45
N SER B 55 27.27 -18.52 -24.69
CA SER B 55 26.50 -17.45 -24.04
C SER B 55 27.38 -16.40 -23.38
N PHE B 56 28.46 -16.83 -22.70
CA PHE B 56 29.37 -15.91 -21.99
C PHE B 56 30.11 -15.00 -22.97
N ARG B 57 30.65 -15.58 -24.03
CA ARG B 57 31.28 -14.78 -25.07
C ARG B 57 30.29 -13.80 -25.73
N VAL B 58 28.99 -14.04 -25.56
CA VAL B 58 27.94 -13.09 -26.01
C VAL B 58 27.77 -11.84 -25.12
N VAL B 59 27.99 -11.96 -23.81
CA VAL B 59 27.52 -10.93 -22.86
C VAL B 59 28.46 -9.77 -22.63
N SER B 60 27.86 -8.56 -22.56
CA SER B 60 28.51 -7.24 -22.35
C SER B 60 29.50 -6.86 -23.44
N GLY B 61 29.07 -6.98 -24.70
CA GLY B 61 29.99 -6.90 -25.85
C GLY B 61 31.20 -7.76 -25.58
N GLY B 62 30.94 -9.01 -25.19
CA GLY B 62 31.94 -10.03 -24.81
C GLY B 62 32.92 -9.72 -23.69
N ARG B 63 32.80 -8.56 -23.06
CA ARG B 63 33.83 -8.00 -22.17
C ARG B 63 33.39 -8.05 -20.70
N SER B 64 32.45 -8.95 -20.38
CA SER B 64 31.82 -9.00 -19.06
C SER B 64 32.74 -9.31 -17.88
N MET B 65 32.23 -8.96 -16.71
CA MET B 65 32.95 -9.02 -15.46
C MET B 65 32.81 -10.44 -14.93
N ALA B 66 31.57 -10.84 -14.68
CA ALA B 66 31.22 -12.13 -14.07
C ALA B 66 31.45 -13.35 -14.96
N PHE B 67 31.37 -13.11 -16.28
CA PHE B 67 31.60 -14.13 -17.28
C PHE B 67 32.99 -14.05 -17.88
N GLY B 68 33.71 -12.94 -17.68
CA GLY B 68 35.12 -12.83 -18.11
C GLY B 68 36.05 -13.89 -17.56
N HIS B 69 37.26 -14.01 -18.12
CA HIS B 69 38.24 -15.01 -17.65
C HIS B 69 39.24 -14.36 -16.67
N TYR B 70 39.93 -15.18 -15.88
CA TYR B 70 40.91 -14.74 -14.86
C TYR B 70 42.26 -14.31 -15.46
N SER B 71 42.45 -13.01 -15.61
CA SER B 71 43.58 -12.43 -16.35
C SER B 71 43.91 -11.02 -15.87
N GLU B 72 45.07 -10.50 -16.27
CA GLU B 72 45.53 -9.17 -15.81
C GLU B 72 44.59 -8.02 -16.19
N HIS B 73 43.94 -8.11 -17.33
CA HIS B 73 42.92 -7.12 -17.72
C HIS B 73 41.74 -7.15 -16.73
N TRP B 74 41.40 -8.35 -16.24
CA TRP B 74 40.25 -8.61 -15.34
C TRP B 74 40.53 -8.38 -13.85
N LYS B 75 41.79 -8.49 -13.42
CA LYS B 75 42.14 -8.12 -12.06
C LYS B 75 41.87 -6.64 -11.89
N VAL B 76 42.41 -5.82 -12.79
CA VAL B 76 42.13 -4.39 -12.83
C VAL B 76 40.63 -4.14 -12.91
N GLN B 77 40.00 -4.67 -13.99
CA GLN B 77 38.55 -4.52 -14.25
C GLN B 77 37.71 -4.59 -12.96
N ARG B 78 38.02 -5.59 -12.12
CA ARG B 78 37.25 -5.89 -10.90
C ARG B 78 37.54 -4.97 -9.71
N ARG B 79 38.79 -4.95 -9.22
CA ARG B 79 39.17 -4.12 -8.05
C ARG B 79 38.56 -2.72 -8.19
N ALA B 80 38.76 -2.13 -9.37
CA ALA B 80 38.14 -0.86 -9.77
C ALA B 80 36.63 -0.88 -9.55
N ALA B 81 36.00 -1.89 -10.13
CA ALA B 81 34.55 -2.10 -10.06
C ALA B 81 34.06 -2.52 -8.67
N HIS B 82 34.94 -3.14 -7.88
CA HIS B 82 34.63 -3.65 -6.54
C HIS B 82 34.82 -2.55 -5.54
N SER B 83 36.03 -1.98 -5.56
CA SER B 83 36.44 -0.94 -4.63
C SER B 83 36.15 0.50 -5.15
N MET B 84 35.36 0.63 -6.23
CA MET B 84 34.56 1.82 -6.51
C MET B 84 33.08 1.55 -6.25
N MET B 85 32.70 0.27 -6.17
CA MET B 85 31.40 -0.19 -5.62
C MET B 85 31.37 -0.16 -4.08
N ARG B 86 32.52 0.14 -3.48
CA ARG B 86 32.57 0.44 -2.06
C ARG B 86 32.96 1.88 -1.77
N ASN B 87 33.57 2.58 -2.71
CA ASN B 87 33.80 4.00 -2.57
C ASN B 87 32.71 4.84 -3.23
N PHE B 88 31.54 4.25 -3.50
CA PHE B 88 30.32 5.03 -3.79
C PHE B 88 29.29 4.91 -2.66
N PHE B 89 29.28 3.75 -1.97
CA PHE B 89 28.45 3.52 -0.77
C PHE B 89 29.39 3.17 0.40
N THR B 90 29.20 3.84 1.53
CA THR B 90 30.24 4.08 2.59
C THR B 90 31.51 4.88 2.15
N ARG B 91 31.27 5.99 1.45
CA ARG B 91 32.33 6.87 0.90
C ARG B 91 32.28 8.33 1.29
N GLN B 92 31.08 8.90 1.32
CA GLN B 92 30.90 10.28 1.72
C GLN B 92 29.99 10.21 2.93
N PRO B 93 30.51 10.63 4.11
CA PRO B 93 29.64 10.80 5.26
C PRO B 93 28.39 11.61 4.84
N ARG B 94 27.27 10.88 4.70
CA ARG B 94 25.94 11.39 4.28
C ARG B 94 25.73 11.52 2.75
N SER B 95 26.54 10.74 2.02
CA SER B 95 26.48 10.54 0.59
C SER B 95 25.73 9.20 0.34
N ARG B 96 25.98 8.19 1.19
CA ARG B 96 25.30 6.89 1.07
C ARG B 96 23.84 7.24 0.90
N GLN B 97 23.42 8.28 1.65
CA GLN B 97 22.08 8.87 1.62
C GLN B 97 21.40 8.97 0.24
N VAL B 98 22.16 9.16 -0.85
CA VAL B 98 21.53 9.22 -2.19
C VAL B 98 20.94 7.84 -2.59
N LEU B 99 21.74 6.78 -2.52
CA LEU B 99 21.27 5.38 -2.67
C LEU B 99 20.15 5.18 -1.68
N GLU B 100 20.49 5.35 -0.40
CA GLU B 100 19.52 5.21 0.68
C GLU B 100 18.21 5.91 0.26
N GLY B 101 18.33 7.07 -0.38
CA GLY B 101 17.17 7.83 -0.80
C GLY B 101 16.42 7.29 -1.99
N HIS B 102 17.16 6.83 -3.00
CA HIS B 102 16.53 6.21 -4.16
C HIS B 102 15.62 5.13 -3.72
N VAL B 103 16.13 4.18 -2.97
CA VAL B 103 15.29 3.16 -2.43
C VAL B 103 14.08 3.85 -1.79
N LEU B 104 14.30 4.74 -0.81
CA LEU B 104 13.21 5.44 -0.10
C LEU B 104 12.19 5.96 -1.08
N SER B 105 12.63 6.64 -2.13
CA SER B 105 11.69 7.12 -3.13
C SER B 105 10.84 5.95 -3.66
N GLU B 106 11.51 4.85 -4.06
CA GLU B 106 10.81 3.64 -4.58
C GLU B 106 9.94 2.97 -3.55
N ALA B 107 10.40 2.96 -2.30
CA ALA B 107 9.64 2.29 -1.26
C ALA B 107 8.22 2.79 -1.27
N ARG B 108 8.05 4.11 -1.30
CA ARG B 108 6.73 4.67 -1.23
C ARG B 108 5.93 4.27 -2.44
N GLU B 109 6.56 4.41 -3.59
CA GLU B 109 5.87 4.16 -4.85
C GLU B 109 5.49 2.71 -4.99
N LEU B 110 6.25 1.82 -4.33
CA LEU B 110 5.88 0.39 -4.19
C LEU B 110 4.66 0.26 -3.26
N VAL B 111 4.68 0.90 -2.09
CA VAL B 111 3.55 0.69 -1.15
C VAL B 111 2.31 1.42 -1.62
N ALA B 112 2.48 2.41 -2.46
CA ALA B 112 1.36 2.97 -3.18
C ALA B 112 0.64 1.86 -3.90
N LEU B 113 1.39 1.14 -4.74
CA LEU B 113 0.83 0.18 -5.71
C LEU B 113 0.45 -1.17 -5.11
N LEU B 114 1.20 -1.65 -4.12
CA LEU B 114 0.76 -2.79 -3.27
C LEU B 114 -0.64 -2.67 -2.62
N VAL B 115 -1.13 -1.44 -2.44
CA VAL B 115 -2.43 -1.17 -1.83
C VAL B 115 -3.46 -0.64 -2.85
N ARG B 116 -3.04 0.03 -3.94
CA ARG B 116 -4.00 0.76 -4.81
C ARG B 116 -5.16 -0.04 -5.53
N GLY B 117 -5.01 -1.31 -5.90
CA GLY B 117 -3.84 -2.19 -5.77
C GLY B 117 -4.23 -3.52 -5.16
N SER B 118 -4.72 -3.46 -3.93
CA SER B 118 -5.17 -4.64 -3.20
C SER B 118 -6.39 -4.25 -2.34
N ALA B 119 -7.17 -3.30 -2.85
CA ALA B 119 -8.16 -2.62 -2.04
C ALA B 119 -9.38 -3.47 -1.92
N ASP B 120 -10.17 -3.15 -0.93
CA ASP B 120 -11.39 -3.88 -0.62
C ASP B 120 -11.14 -5.39 -0.38
N GLY B 121 -10.01 -5.71 0.24
CA GLY B 121 -9.71 -7.09 0.61
C GLY B 121 -8.92 -7.88 -0.41
N ALA B 122 -8.87 -7.39 -1.67
CA ALA B 122 -8.36 -8.15 -2.83
C ALA B 122 -6.85 -8.36 -2.85
N PHE B 123 -6.42 -9.47 -3.45
CA PHE B 123 -5.03 -9.86 -3.40
C PHE B 123 -4.42 -9.79 -4.81
N LEU B 124 -3.17 -9.35 -4.88
CA LEU B 124 -2.44 -9.15 -6.15
C LEU B 124 -1.18 -9.98 -6.14
N ASP B 125 -0.48 -10.04 -7.26
CA ASP B 125 0.81 -10.70 -7.29
C ASP B 125 1.92 -9.63 -7.09
N PRO B 126 2.74 -9.72 -6.01
CA PRO B 126 3.91 -8.81 -5.91
C PRO B 126 5.00 -9.00 -6.95
N ARG B 127 4.90 -10.01 -7.78
CA ARG B 127 5.96 -10.35 -8.68
C ARG B 127 6.36 -9.20 -9.62
N PRO B 128 5.47 -8.74 -10.55
CA PRO B 128 5.92 -7.60 -11.38
C PRO B 128 6.28 -6.34 -10.56
N LEU B 129 5.58 -6.09 -9.45
CA LEU B 129 5.92 -5.00 -8.53
C LEU B 129 7.34 -5.00 -7.98
N THR B 130 7.85 -6.14 -7.52
CA THR B 130 9.24 -6.22 -7.04
C THR B 130 10.29 -5.94 -8.13
N VAL B 131 10.10 -6.52 -9.32
CA VAL B 131 10.97 -6.29 -10.50
C VAL B 131 10.98 -4.83 -10.90
N VAL B 132 9.81 -4.19 -10.86
CA VAL B 132 9.69 -2.78 -11.26
C VAL B 132 10.64 -1.88 -10.48
N ALA B 133 10.51 -1.85 -9.15
CA ALA B 133 11.31 -0.94 -8.32
C ALA B 133 12.81 -1.21 -8.47
N VAL B 134 13.14 -2.48 -8.67
CA VAL B 134 14.52 -2.92 -8.74
C VAL B 134 15.28 -2.28 -9.90
N ALA B 135 14.61 -2.26 -11.05
CA ALA B 135 15.11 -1.62 -12.26
C ALA B 135 15.43 -0.22 -11.87
N ASN B 136 14.39 0.49 -11.43
CA ASN B 136 14.50 1.88 -11.00
C ASN B 136 15.70 2.14 -10.08
N VAL B 137 15.70 1.53 -8.89
CA VAL B 137 16.76 1.82 -7.91
C VAL B 137 18.15 1.52 -8.53
N MET B 138 18.20 0.47 -9.36
CA MET B 138 19.43 0.04 -10.00
C MET B 138 19.84 0.87 -11.19
N SER B 139 18.86 1.07 -12.08
CA SER B 139 18.88 2.11 -13.11
C SER B 139 19.32 3.50 -12.53
N ALA B 140 18.77 3.87 -11.39
CA ALA B 140 19.12 5.13 -10.75
C ALA B 140 20.54 5.10 -10.25
N VAL B 141 20.93 4.00 -9.61
CA VAL B 141 22.31 3.85 -9.20
C VAL B 141 23.25 4.08 -10.41
N CYS B 142 22.89 3.52 -11.56
CA CYS B 142 23.74 3.54 -12.78
C CYS B 142 23.76 4.84 -13.57
N PHE B 143 22.58 5.33 -13.92
CA PHE B 143 22.42 6.48 -14.80
C PHE B 143 22.17 7.78 -14.05
N GLY B 144 21.46 7.71 -12.91
CA GLY B 144 21.03 8.87 -12.11
C GLY B 144 19.52 8.93 -12.16
N CYS B 145 19.00 9.01 -13.38
CA CYS B 145 17.56 8.99 -13.68
C CYS B 145 16.85 7.84 -12.92
N ARG B 146 15.75 8.18 -12.27
CA ARG B 146 14.80 7.23 -11.71
C ARG B 146 13.58 7.36 -12.65
N TYR B 147 13.33 6.33 -13.43
CA TYR B 147 12.27 6.41 -14.40
C TYR B 147 10.93 6.78 -13.84
N SER B 148 9.93 6.90 -14.69
CA SER B 148 8.61 7.31 -14.22
C SER B 148 7.54 6.27 -14.44
N HIS B 149 7.94 5.06 -14.79
CA HIS B 149 6.97 4.00 -15.07
C HIS B 149 6.39 4.37 -16.42
N ASP B 150 5.88 5.61 -16.51
CA ASP B 150 5.31 6.13 -17.74
C ASP B 150 6.40 6.17 -18.80
N ASP B 151 7.62 6.59 -18.42
CA ASP B 151 8.69 6.62 -19.36
C ASP B 151 8.73 5.38 -20.19
N PRO B 152 8.56 5.52 -21.50
CA PRO B 152 8.58 4.38 -22.42
C PRO B 152 9.81 3.52 -22.18
N GLU B 153 10.88 4.14 -21.70
CA GLU B 153 12.12 3.42 -21.43
C GLU B 153 11.89 2.31 -20.41
N PHE B 154 11.34 2.67 -19.27
CA PHE B 154 11.06 1.70 -18.21
C PHE B 154 10.34 0.49 -18.78
N ARG B 155 9.43 0.75 -19.73
CA ARG B 155 8.67 -0.32 -20.36
C ARG B 155 9.44 -0.91 -21.54
N GLU B 156 10.08 -0.06 -22.33
CA GLU B 156 10.88 -0.58 -23.42
C GLU B 156 12.03 -1.43 -22.86
N LEU B 157 12.61 -1.01 -21.74
CA LEU B 157 13.74 -1.74 -21.13
C LEU B 157 13.33 -3.19 -20.86
N LEU B 158 12.31 -3.31 -20.03
CA LEU B 158 11.87 -4.63 -19.56
C LEU B 158 11.54 -5.67 -20.71
N VAL B 174 21.75 -25.15 -22.95
CA VAL B 174 22.04 -24.41 -24.18
C VAL B 174 23.44 -24.73 -24.70
N ASP B 175 24.39 -24.87 -23.77
CA ASP B 175 25.79 -24.71 -24.10
C ASP B 175 26.48 -26.07 -24.21
N VAL B 176 26.41 -26.85 -23.14
CA VAL B 176 26.93 -28.21 -23.15
C VAL B 176 26.43 -28.99 -24.37
N MET B 177 25.35 -28.48 -24.97
CA MET B 177 24.77 -29.13 -26.15
C MET B 177 25.11 -28.37 -27.42
N PRO B 178 26.37 -28.39 -27.82
CA PRO B 178 26.96 -27.30 -28.58
C PRO B 178 26.74 -27.45 -30.10
N TRP B 179 25.94 -28.44 -30.47
CA TRP B 179 25.52 -28.58 -31.87
C TRP B 179 24.09 -28.13 -32.06
N PRO B 184 19.72 -26.19 -38.44
CA PRO B 184 19.69 -25.60 -37.09
C PRO B 184 18.54 -26.17 -36.26
N ASN B 185 18.21 -25.49 -35.16
CA ASN B 185 17.02 -25.80 -34.42
C ASN B 185 17.01 -24.87 -33.24
N PRO B 186 15.80 -24.49 -32.85
CA PRO B 186 15.47 -23.37 -32.00
C PRO B 186 16.27 -23.10 -30.74
N VAL B 187 16.86 -24.06 -30.05
CA VAL B 187 17.50 -23.57 -28.86
C VAL B 187 18.45 -22.48 -29.39
N ARG B 188 19.06 -22.69 -30.56
CA ARG B 188 19.96 -21.68 -31.13
C ARG B 188 19.29 -20.43 -31.74
N THR B 189 18.15 -20.58 -32.37
CA THR B 189 17.34 -19.42 -32.72
C THR B 189 16.84 -18.66 -31.51
N VAL B 190 16.53 -19.35 -30.40
CA VAL B 190 16.26 -18.69 -29.13
C VAL B 190 17.56 -17.99 -28.74
N PHE B 191 18.68 -18.71 -28.78
CA PHE B 191 20.05 -18.10 -28.58
C PHE B 191 20.38 -16.86 -29.43
N ARG B 192 19.99 -16.92 -30.71
CA ARG B 192 20.19 -15.84 -31.69
C ARG B 192 19.37 -14.62 -31.24
N GLU B 193 18.11 -14.86 -30.86
CA GLU B 193 17.27 -13.82 -30.31
C GLU B 193 17.87 -13.22 -29.04
N PHE B 194 18.39 -14.08 -28.19
CA PHE B 194 19.11 -13.70 -26.96
C PHE B 194 20.33 -12.85 -27.34
N GLU B 195 21.13 -13.32 -28.29
CA GLU B 195 22.41 -12.69 -28.64
C GLU B 195 22.21 -11.26 -29.09
N GLN B 196 21.23 -11.08 -29.96
CA GLN B 196 20.88 -9.76 -30.46
C GLN B 196 20.14 -8.92 -29.45
N LEU B 197 19.35 -9.60 -28.63
CA LEU B 197 18.73 -8.98 -27.48
C LEU B 197 19.85 -8.45 -26.58
N ASN B 198 20.85 -9.25 -26.30
CA ASN B 198 21.97 -8.77 -25.52
C ASN B 198 22.82 -7.70 -26.20
N ARG B 199 22.72 -7.60 -27.51
CA ARG B 199 23.33 -6.48 -28.27
C ARG B 199 22.51 -5.16 -28.16
N ASN B 200 21.20 -5.28 -28.29
CA ASN B 200 20.32 -4.14 -28.09
C ASN B 200 20.61 -3.41 -26.78
N PHE B 201 20.84 -4.20 -25.73
CA PHE B 201 21.20 -3.70 -24.41
C PHE B 201 22.57 -3.08 -24.52
N SER B 202 23.59 -3.90 -24.78
CA SER B 202 25.01 -3.46 -24.80
C SER B 202 25.25 -2.21 -25.68
N ASN B 203 24.39 -2.02 -26.69
CA ASN B 203 24.35 -0.81 -27.50
C ASN B 203 23.66 0.38 -26.78
N PHE B 204 22.60 0.13 -26.01
CA PHE B 204 21.81 1.18 -25.25
C PHE B 204 22.43 1.85 -24.01
N ILE B 205 23.56 1.31 -23.60
CA ILE B 205 24.32 1.80 -22.47
C ILE B 205 25.53 2.60 -22.98
N LEU B 206 26.17 2.08 -24.03
CA LEU B 206 27.11 2.85 -24.86
C LEU B 206 26.46 3.98 -25.65
N ASP B 207 25.16 3.90 -25.90
CA ASP B 207 24.41 5.07 -26.36
C ASP B 207 24.47 6.06 -25.15
N LYS B 208 23.81 5.78 -24.03
CA LYS B 208 23.88 6.68 -22.86
C LYS B 208 25.24 6.78 -22.08
N PHE B 209 26.31 6.18 -22.59
CA PHE B 209 27.67 6.43 -22.09
C PHE B 209 28.35 7.51 -22.89
N LEU B 210 28.10 7.46 -24.19
CA LEU B 210 28.36 8.60 -25.06
C LEU B 210 27.52 9.82 -24.61
N ARG B 211 26.42 9.57 -23.92
CA ARG B 211 25.56 10.60 -23.35
C ARG B 211 25.94 11.14 -21.93
N HIS B 212 26.67 10.35 -21.16
CA HIS B 212 27.31 10.85 -19.93
C HIS B 212 28.62 11.55 -20.23
N CYS B 213 29.39 11.05 -21.20
CA CYS B 213 30.66 11.69 -21.54
C CYS B 213 30.40 13.12 -22.06
N GLU B 214 29.21 13.37 -22.62
CA GLU B 214 28.74 14.74 -22.82
C GLU B 214 28.33 15.37 -21.47
N SER B 215 27.43 14.70 -20.71
CA SER B 215 26.91 15.20 -19.39
C SER B 215 28.00 15.66 -18.40
N LEU B 216 29.20 15.08 -18.52
CA LEU B 216 30.43 15.57 -17.89
C LEU B 216 31.16 16.57 -18.79
N ARG B 217 31.68 17.64 -18.18
CA ARG B 217 32.44 18.72 -18.87
C ARG B 217 33.80 18.87 -18.11
N PRO B 218 34.33 20.13 -17.91
CA PRO B 218 35.45 20.15 -16.96
C PRO B 218 34.99 19.81 -15.54
N GLY B 219 33.77 20.20 -15.20
CA GLY B 219 33.08 19.69 -14.03
C GLY B 219 33.44 20.40 -12.71
N ALA B 220 33.24 19.72 -11.59
CA ALA B 220 32.83 18.31 -11.57
C ALA B 220 31.87 17.87 -10.46
N ALA B 221 30.97 16.97 -10.86
CA ALA B 221 29.95 16.37 -10.01
C ALA B 221 30.14 14.85 -10.06
N PRO B 222 30.07 14.17 -8.90
CA PRO B 222 30.33 12.71 -8.80
C PRO B 222 29.07 11.82 -8.68
N ARG B 223 27.91 12.36 -9.10
CA ARG B 223 26.61 11.64 -9.17
C ARG B 223 26.76 10.36 -9.97
N ASP B 224 25.87 9.37 -9.75
CA ASP B 224 25.83 8.12 -10.58
C ASP B 224 27.00 7.15 -10.43
N MET B 225 26.78 5.92 -10.90
CA MET B 225 27.89 4.96 -11.00
C MET B 225 28.70 5.28 -12.23
N MET B 226 28.02 5.45 -13.37
CA MET B 226 28.70 5.63 -14.66
C MET B 226 29.63 6.84 -14.68
N ASP B 227 29.23 7.95 -14.06
CA ASP B 227 30.15 9.07 -13.86
C ASP B 227 31.40 8.62 -13.13
N ALA B 228 31.20 7.88 -12.04
CA ALA B 228 32.31 7.46 -11.18
C ALA B 228 33.46 6.86 -11.98
N PHE B 229 33.16 5.76 -12.67
CA PHE B 229 34.13 5.06 -13.49
C PHE B 229 34.75 6.04 -14.48
N ILE B 230 33.89 6.81 -15.15
CA ILE B 230 34.34 7.81 -16.15
C ILE B 230 35.33 8.80 -15.50
N LEU B 231 35.08 9.19 -14.24
CA LEU B 231 36.02 10.07 -13.51
C LEU B 231 37.30 9.31 -13.16
N SER B 232 37.14 8.13 -12.56
CA SER B 232 38.27 7.22 -12.37
C SER B 232 39.10 7.15 -13.66
N ALA B 233 38.43 6.72 -14.73
CA ALA B 233 39.06 6.41 -16.03
C ALA B 233 39.83 7.55 -16.73
N GLU B 234 39.34 8.81 -16.68
CA GLU B 234 39.90 9.88 -17.55
C GLU B 234 41.28 10.45 -17.14
N LYS B 235 41.87 9.93 -16.06
CA LYS B 235 43.33 10.00 -15.86
C LYS B 235 44.06 8.92 -16.69
N LYS B 236 43.41 7.75 -16.84
CA LYS B 236 43.88 6.63 -17.70
C LYS B 236 43.82 6.95 -19.20
N ALA B 237 42.78 7.67 -19.63
CA ALA B 237 42.54 7.95 -21.06
C ALA B 237 43.44 9.07 -21.62
N ALA B 238 43.28 10.29 -21.13
CA ALA B 238 44.12 11.44 -21.55
C ALA B 238 44.06 12.58 -20.54
N ALA B 246 44.53 1.14 -9.82
CA ALA B 246 43.42 0.29 -10.23
C ALA B 246 42.33 1.09 -10.95
N ARG B 247 42.58 1.39 -12.22
CA ARG B 247 41.66 2.18 -13.05
C ARG B 247 41.28 1.40 -14.31
N LEU B 248 39.99 1.43 -14.65
CA LEU B 248 39.46 0.71 -15.83
C LEU B 248 39.23 1.65 -17.04
N ASP B 249 39.73 1.23 -18.21
CA ASP B 249 39.67 2.04 -19.45
C ASP B 249 38.23 2.20 -19.94
N LEU B 250 38.01 3.27 -20.73
CA LEU B 250 36.70 3.60 -21.35
C LEU B 250 36.00 2.38 -21.93
N GLU B 251 36.74 1.57 -22.68
CA GLU B 251 36.26 0.32 -23.28
C GLU B 251 35.56 -0.62 -22.28
N ASN B 252 36.11 -0.72 -21.07
CA ASN B 252 35.61 -1.62 -20.06
C ASN B 252 34.67 -0.94 -19.07
N VAL B 253 34.31 0.31 -19.33
CA VAL B 253 33.32 1.00 -18.51
C VAL B 253 31.91 0.44 -18.84
N PRO B 254 31.41 0.64 -20.08
CA PRO B 254 29.99 0.30 -20.26
C PRO B 254 29.65 -1.15 -19.94
N ALA B 255 30.62 -2.05 -20.12
CA ALA B 255 30.49 -3.46 -19.74
C ALA B 255 30.52 -3.75 -18.22
N THR B 256 31.27 -2.97 -17.43
CA THR B 256 31.25 -3.11 -15.94
C THR B 256 29.98 -2.51 -15.31
N ILE B 257 29.49 -1.43 -15.91
CA ILE B 257 28.15 -0.90 -15.63
C ILE B 257 27.08 -1.92 -16.04
N THR B 258 27.13 -2.38 -17.30
CA THR B 258 26.19 -3.39 -17.81
C THR B 258 26.01 -4.49 -16.77
N ASP B 259 27.11 -5.14 -16.41
CA ASP B 259 27.11 -6.20 -15.39
C ASP B 259 26.51 -5.75 -14.06
N ILE B 260 26.86 -4.55 -13.60
CA ILE B 260 26.34 -4.10 -12.32
C ILE B 260 24.82 -3.99 -12.32
N PHE B 261 24.26 -3.40 -13.35
CA PHE B 261 22.81 -3.27 -13.45
C PHE B 261 22.18 -4.66 -13.64
N GLY B 262 22.83 -5.45 -14.48
CA GLY B 262 22.40 -6.79 -14.82
C GLY B 262 22.35 -7.90 -13.78
N ALA B 263 23.35 -7.96 -12.90
CA ALA B 263 23.37 -9.05 -11.91
C ALA B 263 22.23 -8.85 -10.91
N SER B 264 22.24 -7.69 -10.26
CA SER B 264 21.17 -7.16 -9.40
C SER B 264 19.72 -7.30 -9.93
N GLN B 265 19.45 -6.82 -11.16
CA GLN B 265 18.08 -6.86 -11.72
C GLN B 265 17.37 -8.23 -11.55
N ASP B 266 17.90 -9.32 -12.06
CA ASP B 266 17.13 -10.53 -11.75
C ASP B 266 17.20 -10.93 -10.27
N THR B 267 18.41 -10.96 -9.71
CA THR B 267 18.51 -11.39 -8.28
C THR B 267 17.60 -10.59 -7.33
N LEU B 268 17.76 -9.24 -7.29
CA LEU B 268 16.96 -8.38 -6.39
C LEU B 268 15.50 -8.76 -6.52
N SER B 269 15.03 -8.88 -7.77
CA SER B 269 13.65 -9.29 -8.03
C SER B 269 13.27 -10.56 -7.28
N THR B 270 14.12 -11.57 -7.38
CA THR B 270 13.84 -12.85 -6.74
C THR B 270 13.87 -12.70 -5.20
N ALA B 271 14.89 -12.05 -4.63
CA ALA B 271 15.07 -11.92 -3.14
C ALA B 271 13.91 -11.22 -2.41
N LEU B 272 13.57 -10.04 -2.94
CA LEU B 272 12.54 -9.14 -2.41
C LEU B 272 11.18 -9.82 -2.32
N GLN B 273 10.85 -10.59 -3.35
CA GLN B 273 9.68 -11.48 -3.36
C GLN B 273 9.72 -12.46 -2.21
N TRP B 274 10.87 -13.13 -2.11
CA TRP B 274 11.03 -14.20 -1.14
C TRP B 274 10.75 -13.72 0.28
N LEU B 275 11.10 -12.47 0.61
CA LEU B 275 10.82 -11.95 1.96
C LEU B 275 9.31 -11.79 2.16
N LEU B 276 8.62 -11.18 1.20
CA LEU B 276 7.15 -10.99 1.24
C LEU B 276 6.38 -12.30 1.36
N LEU B 277 6.87 -13.34 0.67
CA LEU B 277 6.31 -14.70 0.79
C LEU B 277 6.52 -15.28 2.20
N LEU B 278 7.78 -15.30 2.62
CA LEU B 278 8.14 -15.68 3.97
C LEU B 278 7.29 -14.92 4.96
N PHE B 279 6.99 -13.66 4.68
CA PHE B 279 5.99 -12.92 5.46
C PHE B 279 4.62 -13.54 5.38
N THR B 280 4.06 -13.60 4.17
CA THR B 280 2.66 -14.02 4.04
C THR B 280 2.46 -15.43 4.62
N ARG B 281 3.33 -16.35 4.22
CA ARG B 281 3.21 -17.73 4.62
C ARG B 281 3.86 -18.04 6.00
N TYR B 282 4.44 -17.05 6.71
CA TYR B 282 4.78 -17.23 8.14
C TYR B 282 4.37 -16.02 8.99
N PRO B 283 3.05 -15.83 9.26
CA PRO B 283 2.57 -14.54 9.82
C PRO B 283 3.00 -14.22 11.24
N ASP B 284 3.53 -15.19 11.97
CA ASP B 284 3.97 -14.89 13.32
C ASP B 284 5.32 -14.15 13.31
N VAL B 285 6.16 -14.38 12.29
CA VAL B 285 7.46 -13.63 12.15
C VAL B 285 7.23 -12.20 11.64
N GLN B 286 6.16 -11.99 10.87
CA GLN B 286 5.74 -10.65 10.41
C GLN B 286 5.35 -9.79 11.64
N THR B 287 4.76 -10.42 12.66
CA THR B 287 4.48 -9.75 13.92
C THR B 287 5.73 -9.30 14.62
N ARG B 288 6.77 -10.14 14.59
CA ARG B 288 8.05 -9.89 15.29
C ARG B 288 8.96 -8.83 14.64
N VAL B 289 9.21 -8.89 13.33
CA VAL B 289 10.03 -7.84 12.65
C VAL B 289 9.30 -6.53 12.73
N GLN B 290 7.98 -6.56 12.67
CA GLN B 290 7.19 -5.35 12.85
C GLN B 290 7.36 -4.77 14.26
N ALA B 291 7.51 -5.63 15.26
CA ALA B 291 7.67 -5.15 16.64
C ALA B 291 9.02 -4.47 16.87
N GLU B 292 10.11 -5.19 16.61
CA GLU B 292 11.45 -4.67 16.94
C GLU B 292 11.80 -3.51 16.04
N LEU B 293 11.27 -3.45 14.82
CA LEU B 293 11.30 -2.19 14.07
C LEU B 293 10.61 -1.12 14.89
N ASP B 294 9.33 -1.35 15.25
CA ASP B 294 8.53 -0.41 16.09
C ASP B 294 9.27 0.01 17.36
N GLN B 295 9.77 -0.97 18.12
CA GLN B 295 10.47 -0.70 19.39
C GLN B 295 11.65 0.27 19.28
N VAL B 296 12.40 0.14 18.17
CA VAL B 296 13.63 0.88 17.93
C VAL B 296 13.36 2.15 17.13
N VAL B 297 12.56 2.04 16.08
CA VAL B 297 12.32 3.16 15.19
C VAL B 297 11.35 4.15 15.81
N GLY B 298 10.17 3.64 16.12
CA GLY B 298 9.08 4.47 16.65
C GLY B 298 8.23 4.91 15.48
N ARG B 299 6.94 4.62 15.56
CA ARG B 299 5.99 4.96 14.50
C ARG B 299 5.76 6.49 14.51
N ASP B 300 6.83 7.25 14.35
CA ASP B 300 6.82 8.65 14.02
C ASP B 300 7.89 9.01 12.96
N ARG B 301 8.55 8.02 12.36
CA ARG B 301 9.60 8.26 11.34
C ARG B 301 9.93 7.00 10.53
N LEU B 302 10.63 7.20 9.44
CA LEU B 302 10.97 6.08 8.62
C LEU B 302 12.26 5.52 9.12
N PRO B 303 12.42 4.18 9.02
CA PRO B 303 13.77 3.62 9.18
C PRO B 303 14.81 4.13 8.14
N CYS B 304 16.06 4.12 8.57
CA CYS B 304 17.19 4.46 7.76
C CYS B 304 18.12 3.26 7.80
N MET B 305 19.33 3.41 7.27
CA MET B 305 20.40 2.45 7.49
C MET B 305 20.98 2.53 8.89
N GLY B 306 21.04 3.73 9.45
CA GLY B 306 21.48 3.94 10.82
C GLY B 306 20.97 2.97 11.86
N ASP B 307 19.74 2.43 11.68
CA ASP B 307 19.14 1.45 12.63
C ASP B 307 19.61 0.01 12.44
N GLN B 308 20.22 -0.28 11.28
CA GLN B 308 20.60 -1.65 10.88
C GLN B 308 21.35 -2.47 11.95
N PRO B 309 22.23 -1.83 12.77
CA PRO B 309 22.89 -2.57 13.83
C PRO B 309 21.96 -2.85 14.96
N ASN B 310 21.12 -1.90 15.29
CA ASN B 310 20.23 -2.06 16.44
C ASN B 310 18.90 -2.77 16.15
N LEU B 311 18.78 -3.35 14.94
CA LEU B 311 17.64 -4.21 14.60
C LEU B 311 18.14 -5.64 14.29
N PRO B 312 18.61 -6.38 15.33
CA PRO B 312 19.18 -7.71 15.08
C PRO B 312 18.21 -8.80 14.64
N TYR B 313 16.89 -8.61 14.78
CA TYR B 313 15.94 -9.59 14.22
C TYR B 313 15.70 -9.38 12.75
N VAL B 314 15.38 -8.15 12.37
CA VAL B 314 15.24 -7.79 10.96
C VAL B 314 16.47 -8.25 10.14
N LEU B 315 17.66 -8.29 10.76
CA LEU B 315 18.83 -8.91 10.10
C LEU B 315 18.66 -10.41 10.06
N ALA B 316 18.40 -11.01 11.21
CA ALA B 316 18.23 -12.47 11.29
C ALA B 316 16.97 -13.01 10.58
N PHE B 317 16.11 -12.13 10.09
CA PHE B 317 15.14 -12.50 9.07
C PHE B 317 15.82 -12.63 7.74
N LEU B 318 16.55 -11.59 7.35
CA LEU B 318 17.20 -11.53 6.04
C LEU B 318 18.14 -12.72 5.85
N TYR B 319 18.92 -13.07 6.87
CA TYR B 319 19.85 -14.21 6.76
C TYR B 319 19.12 -15.51 6.58
N GLU B 320 18.31 -15.89 7.57
CA GLU B 320 17.48 -17.10 7.50
C GLU B 320 16.60 -17.18 6.25
N ALA B 321 16.10 -16.03 5.78
CA ALA B 321 15.33 -15.96 4.54
C ALA B 321 16.14 -16.44 3.35
N MET B 322 17.37 -15.95 3.26
CA MET B 322 18.28 -16.35 2.18
C MET B 322 18.71 -17.80 2.31
N ARG B 323 19.26 -18.15 3.47
CA ARG B 323 19.60 -19.54 3.79
C ARG B 323 18.46 -20.51 3.32
N PHE B 324 17.27 -20.33 3.89
CA PHE B 324 16.11 -21.20 3.64
C PHE B 324 15.78 -21.33 2.18
N SER B 325 15.64 -20.16 1.55
CA SER B 325 15.36 -20.01 0.11
C SER B 325 16.47 -20.67 -0.68
N SER B 326 17.66 -20.11 -0.49
CA SER B 326 18.81 -20.34 -1.34
C SER B 326 18.31 -20.09 -2.76
N PHE B 327 17.83 -18.86 -3.01
CA PHE B 327 17.24 -18.52 -4.31
C PHE B 327 18.26 -18.48 -5.45
N VAL B 328 19.53 -18.48 -5.09
CA VAL B 328 20.65 -18.73 -5.97
C VAL B 328 21.26 -20.11 -5.58
N PRO B 329 20.73 -21.26 -6.10
CA PRO B 329 21.20 -22.56 -5.57
C PRO B 329 22.62 -22.95 -6.06
N VAL B 330 22.89 -22.74 -7.36
CA VAL B 330 24.19 -22.97 -7.95
C VAL B 330 24.73 -21.63 -8.42
N THR B 331 26.03 -21.41 -8.21
CA THR B 331 26.70 -20.20 -8.66
C THR B 331 26.94 -20.22 -10.17
N ILE B 332 27.36 -19.05 -10.70
CA ILE B 332 27.93 -18.97 -12.03
C ILE B 332 29.03 -20.04 -12.07
N PRO B 333 29.03 -20.86 -13.11
CA PRO B 333 30.00 -21.94 -13.10
C PRO B 333 31.41 -21.40 -13.02
N HIS B 334 32.28 -22.13 -12.34
CA HIS B 334 33.67 -21.78 -12.23
C HIS B 334 34.43 -22.62 -13.21
N ALA B 335 35.71 -22.32 -13.32
CA ALA B 335 36.64 -23.13 -14.08
C ALA B 335 38.02 -23.00 -13.47
N THR B 336 38.82 -24.05 -13.65
CA THR B 336 40.14 -24.09 -13.05
C THR B 336 41.18 -23.52 -14.00
N THR B 337 42.17 -22.84 -13.45
CA THR B 337 43.37 -22.43 -14.18
C THR B 337 44.19 -23.68 -14.50
N ALA B 338 44.44 -24.47 -13.45
CA ALA B 338 45.23 -25.69 -13.56
C ALA B 338 44.61 -26.82 -12.71
N ASN B 339 45.35 -27.91 -12.55
CA ASN B 339 44.88 -29.06 -11.74
C ASN B 339 44.78 -28.71 -10.25
N THR B 340 43.72 -29.19 -9.59
CA THR B 340 43.47 -28.92 -8.16
C THR B 340 43.28 -30.24 -7.39
N SER B 341 43.02 -30.16 -6.08
CA SER B 341 42.80 -31.36 -5.23
C SER B 341 42.02 -31.15 -3.90
N VAL B 342 40.81 -31.70 -3.88
CA VAL B 342 39.73 -31.32 -2.96
C VAL B 342 39.04 -32.56 -2.39
N LEU B 343 39.12 -32.75 -1.08
CA LEU B 343 38.58 -33.96 -0.40
C LEU B 343 39.30 -35.24 -0.85
N GLY B 344 40.58 -35.14 -1.13
CA GLY B 344 41.34 -36.28 -1.63
C GLY B 344 40.81 -36.82 -2.95
N TYR B 345 40.27 -35.92 -3.79
CA TYR B 345 39.96 -36.17 -5.20
C TYR B 345 40.85 -35.27 -6.07
N HIS B 346 41.05 -35.65 -7.32
CA HIS B 346 41.89 -34.86 -8.23
C HIS B 346 40.92 -34.26 -9.23
N ILE B 347 41.02 -32.95 -9.40
CA ILE B 347 40.13 -32.20 -10.28
C ILE B 347 41.02 -31.59 -11.35
N PRO B 348 40.85 -32.02 -12.64
CA PRO B 348 41.82 -31.65 -13.69
C PRO B 348 41.90 -30.16 -14.08
N LYS B 349 42.89 -29.82 -14.92
CA LYS B 349 43.06 -28.46 -15.45
C LYS B 349 42.02 -28.20 -16.52
N ASP B 350 41.42 -27.00 -16.46
CA ASP B 350 40.39 -26.59 -17.40
C ASP B 350 39.11 -27.44 -17.21
N THR B 351 38.60 -27.47 -15.97
CA THR B 351 37.38 -28.26 -15.62
C THR B 351 36.25 -27.43 -15.00
N VAL B 352 35.05 -27.63 -15.55
CA VAL B 352 33.85 -26.90 -15.13
C VAL B 352 33.43 -27.40 -13.76
N VAL B 353 33.29 -26.42 -12.85
CA VAL B 353 32.81 -26.66 -11.50
C VAL B 353 31.47 -25.98 -11.37
N PHE B 354 30.49 -26.73 -10.89
CA PHE B 354 29.26 -26.17 -10.34
C PHE B 354 29.55 -26.04 -8.88
N VAL B 355 29.10 -24.96 -8.24
CA VAL B 355 29.25 -24.82 -6.79
C VAL B 355 27.86 -24.80 -6.20
N ASN B 356 27.60 -25.69 -5.25
CA ASN B 356 26.25 -25.91 -4.71
C ASN B 356 26.03 -25.19 -3.39
N GLN B 357 25.50 -23.97 -3.46
CA GLN B 357 25.28 -23.12 -2.29
C GLN B 357 24.05 -23.52 -1.48
N TRP B 358 23.11 -24.18 -2.12
CA TRP B 358 21.91 -24.67 -1.46
C TRP B 358 22.27 -25.77 -0.44
N SER B 359 23.20 -26.62 -0.82
CA SER B 359 23.61 -27.74 0.02
C SER B 359 24.44 -27.34 1.23
N VAL B 360 24.90 -26.10 1.28
CA VAL B 360 25.58 -25.53 2.46
C VAL B 360 24.50 -25.14 3.45
N ASN B 361 23.51 -24.42 2.93
CA ASN B 361 22.37 -23.91 3.66
C ASN B 361 21.42 -24.99 4.17
N HIS B 362 21.45 -26.19 3.59
CA HIS B 362 20.48 -27.23 3.97
C HIS B 362 21.13 -28.56 4.43
N ASP B 363 22.29 -28.42 5.06
CA ASP B 363 23.09 -29.51 5.60
C ASP B 363 22.80 -29.68 7.11
N PRO B 364 21.95 -30.69 7.53
CA PRO B 364 21.59 -30.80 8.98
C PRO B 364 22.70 -31.20 9.97
N VAL B 365 23.96 -31.05 9.58
CA VAL B 365 25.11 -31.02 10.51
C VAL B 365 25.28 -29.60 11.11
N LYS B 366 24.94 -28.55 10.32
CA LYS B 366 25.08 -27.14 10.76
C LYS B 366 23.78 -26.39 11.04
N TRP B 367 22.64 -27.02 10.82
CA TRP B 367 21.37 -26.48 11.25
C TRP B 367 20.72 -27.67 11.97
N PRO B 368 19.40 -27.66 12.26
CA PRO B 368 18.83 -28.98 12.52
C PRO B 368 17.52 -29.26 11.81
N ASN B 369 16.71 -28.24 11.62
CA ASN B 369 15.49 -28.37 10.89
C ASN B 369 15.70 -27.43 9.69
N PRO B 370 16.62 -27.79 8.76
CA PRO B 370 16.94 -26.84 7.69
C PRO B 370 15.75 -26.51 6.80
N GLU B 371 14.78 -27.43 6.71
CA GLU B 371 13.54 -27.21 5.98
C GLU B 371 12.45 -26.44 6.79
N ASN B 372 12.73 -26.13 8.05
CA ASN B 372 11.90 -25.24 8.84
C ASN B 372 12.48 -23.86 8.90
N PHE B 373 11.60 -22.89 8.72
CA PHE B 373 11.93 -21.49 8.71
C PHE B 373 11.91 -21.00 10.15
N ASP B 374 13.09 -20.65 10.67
CA ASP B 374 13.23 -20.20 12.07
C ASP B 374 14.35 -19.15 12.12
N PRO B 375 14.00 -17.84 12.09
CA PRO B 375 15.05 -16.84 12.08
C PRO B 375 15.59 -16.52 13.47
N ALA B 376 15.04 -17.14 14.52
CA ALA B 376 15.66 -17.08 15.86
C ALA B 376 17.03 -17.78 15.90
N ARG B 377 17.23 -18.71 14.98
CA ARG B 377 18.50 -19.38 14.79
C ARG B 377 19.66 -18.42 14.85
N PHE B 378 19.64 -17.41 14.01
CA PHE B 378 20.70 -16.40 14.02
C PHE B 378 20.36 -15.42 15.12
N LEU B 379 20.53 -15.82 16.39
CA LEU B 379 20.21 -14.94 17.50
C LEU B 379 20.74 -15.51 18.81
N ASP B 380 21.41 -14.67 19.58
CA ASP B 380 22.10 -15.06 20.83
C ASP B 380 21.08 -15.39 21.89
N LYS B 381 21.56 -16.03 22.95
CA LYS B 381 20.73 -16.37 24.14
C LYS B 381 19.94 -15.19 24.74
N ASP B 382 20.59 -14.04 24.87
CA ASP B 382 19.96 -12.87 25.48
C ASP B 382 19.09 -12.08 24.50
N GLY B 383 19.36 -12.24 23.18
CA GLY B 383 18.47 -11.71 22.11
C GLY B 383 19.09 -11.01 20.89
N LEU B 384 20.40 -10.72 20.95
CA LEU B 384 21.10 -10.03 19.87
C LEU B 384 21.30 -11.00 18.71
N ILE B 385 21.89 -10.51 17.62
CA ILE B 385 22.28 -11.35 16.47
C ILE B 385 23.70 -11.85 16.72
N ASN B 386 24.05 -13.01 16.19
CA ASN B 386 25.44 -13.57 16.35
C ASN B 386 26.21 -13.64 15.06
N LYS B 387 27.50 -13.36 15.12
CA LYS B 387 28.27 -13.04 13.92
C LYS B 387 29.05 -14.19 13.26
N ASP B 388 29.51 -15.19 14.04
CA ASP B 388 30.14 -16.39 13.44
C ASP B 388 29.12 -17.43 12.92
N LEU B 389 27.82 -17.14 13.08
CA LEU B 389 26.74 -17.93 12.48
C LEU B 389 26.13 -17.32 11.19
N THR B 390 26.04 -15.99 11.07
CA THR B 390 25.47 -15.36 9.85
C THR B 390 26.42 -15.36 8.66
N SER B 391 27.72 -15.28 8.91
CA SER B 391 28.71 -15.40 7.83
C SER B 391 28.62 -16.74 7.10
N ARG B 392 28.31 -17.81 7.85
CA ARG B 392 28.24 -19.17 7.31
C ARG B 392 27.13 -19.41 6.27
N VAL B 393 26.12 -18.54 6.26
CA VAL B 393 25.10 -18.54 5.23
C VAL B 393 25.81 -18.19 3.93
N MET B 394 25.90 -19.18 3.03
CA MET B 394 26.44 -18.98 1.70
C MET B 394 25.29 -18.76 0.71
N ILE B 395 25.23 -17.55 0.16
CA ILE B 395 24.37 -17.17 -0.99
C ILE B 395 25.00 -16.14 -1.94
N PHE B 396 25.91 -15.28 -1.44
CA PHE B 396 26.76 -14.40 -2.29
C PHE B 396 28.10 -15.04 -2.78
N SER B 397 28.31 -16.30 -2.38
CA SER B 397 29.47 -17.17 -2.71
C SER B 397 30.65 -16.89 -1.82
N VAL B 398 31.82 -17.38 -2.22
CA VAL B 398 33.06 -16.98 -1.59
C VAL B 398 34.20 -17.09 -2.55
N GLY B 399 35.23 -16.29 -2.30
CA GLY B 399 36.51 -16.41 -2.98
C GLY B 399 36.82 -15.19 -3.82
N LYS B 400 37.54 -15.45 -4.92
CA LYS B 400 38.01 -14.38 -5.76
C LYS B 400 36.84 -13.98 -6.64
N ARG B 401 35.96 -14.94 -6.97
CA ARG B 401 34.83 -14.69 -7.87
C ARG B 401 33.55 -14.29 -7.17
N ARG B 402 33.66 -13.99 -5.87
CA ARG B 402 32.50 -13.70 -5.03
C ARG B 402 31.86 -12.42 -5.44
N CYS B 403 30.59 -12.28 -5.08
CA CYS B 403 29.84 -11.11 -5.50
C CYS B 403 30.56 -9.81 -5.18
N ILE B 404 30.49 -8.84 -6.09
CA ILE B 404 30.95 -7.46 -5.86
C ILE B 404 29.73 -6.55 -5.69
N GLY B 405 28.63 -7.15 -5.23
CA GLY B 405 27.45 -6.39 -4.85
C GLY B 405 26.99 -6.70 -3.43
N GLU B 406 27.70 -7.54 -2.71
CA GLU B 406 27.13 -8.13 -1.52
C GLU B 406 26.69 -7.08 -0.49
N GLU B 407 27.46 -6.00 -0.34
CA GLU B 407 27.25 -4.97 0.70
C GLU B 407 26.10 -4.04 0.30
N LEU B 408 26.07 -3.65 -0.98
CA LEU B 408 24.92 -2.98 -1.59
C LEU B 408 23.64 -3.81 -1.46
N SER B 409 23.77 -5.12 -1.63
CA SER B 409 22.61 -6.00 -1.72
C SER B 409 21.86 -6.20 -0.42
N LYS B 410 22.56 -6.25 0.70
CA LYS B 410 21.93 -6.34 2.00
C LYS B 410 21.50 -4.94 2.38
N MET B 411 22.32 -3.95 2.03
CA MET B 411 21.99 -2.51 2.18
C MET B 411 20.74 -2.07 1.39
N GLN B 412 20.37 -2.85 0.39
CA GLN B 412 19.09 -2.68 -0.28
C GLN B 412 17.91 -3.36 0.39
N LEU B 413 18.07 -4.65 0.68
CA LEU B 413 17.03 -5.52 1.28
C LEU B 413 16.63 -5.09 2.72
N PHE B 414 17.58 -4.59 3.47
CA PHE B 414 17.24 -4.06 4.75
C PHE B 414 16.33 -2.82 4.65
N LEU B 415 16.70 -1.83 3.83
CA LEU B 415 15.91 -0.59 3.70
C LEU B 415 14.53 -0.88 3.17
N PHE B 416 14.47 -1.82 2.22
CA PHE B 416 13.24 -2.16 1.48
C PHE B 416 12.20 -2.85 2.34
N ILE B 417 12.65 -3.83 3.12
CA ILE B 417 11.74 -4.56 3.98
C ILE B 417 11.38 -3.74 5.22
N SER B 418 12.41 -3.08 5.77
CA SER B 418 12.23 -2.21 6.92
C SER B 418 11.09 -1.23 6.62
N ILE B 419 11.13 -0.53 5.48
CA ILE B 419 10.02 0.37 5.11
C ILE B 419 8.74 -0.45 5.12
N LEU B 420 8.72 -1.49 4.30
CA LEU B 420 7.47 -2.21 3.99
C LEU B 420 6.73 -2.77 5.20
N ALA B 421 7.48 -3.16 6.23
CA ALA B 421 6.88 -3.71 7.45
C ALA B 421 6.34 -2.58 8.35
N HIS B 422 7.14 -1.55 8.54
CA HIS B 422 6.77 -0.38 9.36
C HIS B 422 5.49 0.36 8.90
N GLN B 423 5.14 0.18 7.62
CA GLN B 423 3.97 0.82 6.98
C GLN B 423 2.76 -0.09 6.80
N CYS B 424 3.01 -1.32 6.36
CA CYS B 424 1.98 -2.20 5.82
C CYS B 424 1.85 -3.54 6.54
N ASP B 425 0.61 -3.99 6.66
CA ASP B 425 0.32 -5.34 7.10
C ASP B 425 0.05 -6.17 5.86
N PHE B 426 0.83 -7.26 5.66
CA PHE B 426 0.66 -8.25 4.55
C PHE B 426 -0.18 -9.45 4.98
N ARG B 427 -0.96 -9.99 4.03
CA ARG B 427 -1.76 -11.22 4.21
C ARG B 427 -1.80 -12.01 2.91
N ALA B 428 -1.75 -13.34 2.96
CA ALA B 428 -2.00 -14.15 1.76
C ALA B 428 -3.46 -14.48 1.66
N ASN B 429 -3.84 -14.98 0.49
CA ASN B 429 -5.23 -15.36 0.21
C ASN B 429 -5.52 -16.73 0.81
N PRO B 430 -6.54 -16.81 1.70
CA PRO B 430 -7.05 -18.12 2.07
C PRO B 430 -7.88 -18.77 0.94
N ASN B 431 -8.36 -17.95 -0.01
CA ASN B 431 -9.05 -18.47 -1.21
C ASN B 431 -8.12 -19.31 -2.12
N GLU B 432 -6.79 -19.12 -2.03
CA GLU B 432 -5.81 -19.79 -2.91
C GLU B 432 -5.04 -20.96 -2.26
N PRO B 433 -4.54 -21.91 -3.10
CA PRO B 433 -3.92 -23.17 -2.64
C PRO B 433 -3.05 -23.07 -1.40
N ALA B 434 -2.14 -22.11 -1.38
CA ALA B 434 -1.16 -22.00 -0.29
C ALA B 434 -0.36 -23.32 -0.08
N LYS B 435 0.01 -23.94 -1.21
CA LYS B 435 0.86 -25.15 -1.26
C LYS B 435 1.89 -24.93 -2.38
N MET B 436 2.88 -24.08 -2.06
CA MET B 436 3.70 -23.36 -3.07
C MET B 436 4.59 -24.18 -3.99
N ASN B 437 4.55 -23.88 -5.30
CA ASN B 437 5.57 -24.36 -6.26
C ASN B 437 6.47 -23.21 -6.78
N PHE B 438 7.55 -23.56 -7.47
CA PHE B 438 8.67 -22.63 -7.69
C PHE B 438 9.27 -22.62 -9.11
N SER B 439 10.11 -21.65 -9.39
CA SER B 439 10.86 -21.56 -10.66
C SER B 439 12.34 -21.80 -10.34
N TYR B 440 13.13 -22.26 -11.33
CA TYR B 440 14.58 -22.61 -11.16
C TYR B 440 15.39 -22.22 -12.42
N GLY B 441 16.38 -21.36 -12.30
CA GLY B 441 17.01 -20.85 -13.51
C GLY B 441 18.13 -19.86 -13.25
N LEU B 442 19.25 -20.36 -12.77
CA LEU B 442 20.20 -19.48 -12.04
C LEU B 442 19.58 -19.17 -10.68
N THR B 443 18.26 -18.87 -10.65
CA THR B 443 17.55 -18.49 -9.43
C THR B 443 16.24 -19.26 -9.22
N ILE B 444 15.76 -19.27 -7.98
CA ILE B 444 14.62 -20.10 -7.60
C ILE B 444 13.39 -19.29 -7.19
N LYS B 445 12.66 -18.72 -8.14
CA LYS B 445 11.58 -17.76 -7.76
C LYS B 445 10.34 -18.46 -7.18
N PRO B 446 9.37 -17.70 -6.66
CA PRO B 446 8.06 -18.23 -6.33
C PRO B 446 7.08 -18.18 -7.49
N LYS B 447 5.87 -18.71 -7.25
CA LYS B 447 4.80 -18.81 -8.26
C LYS B 447 3.97 -17.53 -8.41
N SER B 448 2.77 -17.69 -8.98
CA SER B 448 1.72 -16.66 -8.98
C SER B 448 0.97 -16.83 -7.64
N PHE B 449 1.59 -16.33 -6.59
CA PHE B 449 1.01 -16.33 -5.24
C PHE B 449 0.53 -14.92 -4.88
N LYS B 450 -0.68 -14.81 -4.36
CA LYS B 450 -1.27 -13.50 -4.18
C LYS B 450 -1.09 -12.98 -2.75
N VAL B 451 -1.30 -11.67 -2.60
CA VAL B 451 -1.13 -10.97 -1.34
C VAL B 451 -2.12 -9.79 -1.22
N ASN B 452 -2.55 -9.47 0.02
CA ASN B 452 -3.38 -8.27 0.36
C ASN B 452 -2.66 -7.34 1.36
N VAL B 453 -1.94 -6.34 0.85
CA VAL B 453 -1.16 -5.42 1.67
C VAL B 453 -2.14 -4.38 2.12
N THR B 454 -2.07 -3.92 3.38
CA THR B 454 -2.84 -2.72 3.83
C THR B 454 -1.94 -1.76 4.61
N LEU B 455 -2.29 -0.47 4.63
CA LEU B 455 -1.49 0.55 5.33
C LEU B 455 -1.77 0.60 6.83
N ARG B 456 -0.71 0.54 7.65
CA ARG B 456 -0.82 0.61 9.13
C ARG B 456 -1.25 2.01 9.64
N GLU B 457 -0.57 3.04 9.13
CA GLU B 457 -0.92 4.42 9.33
C GLU B 457 -1.31 4.88 7.92
N SER B 458 -0.93 6.10 7.59
CA SER B 458 -1.18 6.75 6.29
C SER B 458 0.08 7.04 5.45
N MET B 459 -0.07 7.67 4.29
CA MET B 459 1.09 7.89 3.44
C MET B 459 1.99 9.08 3.81
N GLU B 460 2.20 9.36 5.10
CA GLU B 460 3.25 10.31 5.55
C GLU B 460 4.61 10.14 4.82
N LEU B 461 4.93 8.91 4.36
CA LEU B 461 6.20 8.59 3.63
C LEU B 461 6.66 9.69 2.72
N LEU B 462 5.69 10.34 2.09
CA LEU B 462 5.90 11.60 1.37
C LEU B 462 7.04 12.51 1.98
N ASP B 463 8.13 12.58 1.20
CA ASP B 463 9.49 12.94 1.64
C ASP B 463 9.83 12.45 3.04
#